data_3AHG
#
_entry.id   3AHG
#
_cell.length_a   175.035
_cell.length_b   175.035
_cell.length_c   163.597
_cell.angle_alpha   90.00
_cell.angle_beta   90.00
_cell.angle_gamma   90.00
#
_symmetry.space_group_name_H-M   'I 4 2 2'
#
loop_
_entity.id
_entity.type
_entity.pdbx_description
1 polymer 'Xylulose 5-phosphate/fructose 6-phosphate phosphoketolase'
2 non-polymer 'MAGNESIUM ION'
3 non-polymer '2-[(9aR)-2,7-dimethyl-9a,10-dihydro-5H-pyrimido[4,5-d][1,3]thiazolo[3,2-a]pyrimidin-8-yl]ethyl trihydrogen diphosphate'
4 non-polymer 'SODIUM ION'
5 non-polymer 1,2-ETHANEDIOL
6 water water
#
_entity_poly.entity_id   1
_entity_poly.type   'polypeptide(L)'
_entity_poly.pdbx_seq_one_letter_code
;MGSSHHHHHHSSGLVPRGSHMTNPVIGTPWQKLDRPVSEEAIEGMDKYWRVTNYMSIGQIYLRSNPLMKEPFTRDDVKHR
LVGAWGTTPGLNFLLAHINRLIADHQQNTVFIMGPGHGGPAGTSQSYVDGTYTEYYPNITKDEAGLQKFFRQFSYPGGIP
SHFAPETPGSIHEGGELGYALSHAYGAVMNNPSLFVPCIIGDGEAETGPLATGWQSNKLVNPRTDGIVLPILHLNGYKIA
NPTILARISDEELHDFFRGMGYHPYEFVAGFDNEDHMSIHRRFAELFETIFDEICDIKAAAQTDDMTRPFYPMLIFRTPK
GWTCPKFIDGKKTEGSWRAHQVPLASARDTEEHFEVLKGWMESYKPEELFNADGSIKDDVTAFMPKGELRIGANPNANGG
VIREDLKLPELDQYEVTGVKEYGHGWGQVEAPRALGAYCRDIIKNNPDSFRIFGPDETASNRLNATYEVTDKQWDNGYLS
GLVDEHMAVTGQVTEQLSEHQCEGFLEAYLLTGRHGIWSSYESFVHVIDSMLNQHAKWLEATVREIPWRKPISSVNLLVS
SHVWRQDHNGFSHQDPGVTSLLINKTFNNDHVTNIYFATDANMLLAISEKCFKSTNKINAIFAGKQPAPTWVTLDEARAE
LEAGAAEWKWASNAENNDEVQVVLASAGDVPTQELMAASDALNKMGIKFKVVNVVDLLKLQSRENNDEALTDEEFTELFT
ADKPVLFAYHSYAQDVRGLIYDRPNHDNFHVVGYKEQGSTTTPFDMVRVNDMDRYALQAAALKLIDADKYADKIDELNAF
RKKAFQFAVDNGYDIPEFTDWVYPDVKVDETQMLSATAATAGDNE
;
_entity_poly.pdbx_strand_id   A
#
loop_
_chem_comp.id
_chem_comp.type
_chem_comp.name
_chem_comp.formula
EDO non-polymer 1,2-ETHANEDIOL 'C2 H6 O2'
HTD non-polymer '2-[(9aR)-2,7-dimethyl-9a,10-dihydro-5H-pyrimido[4,5-d][1,3]thiazolo[3,2-a]pyrimidin-8-yl]ethyl trihydrogen diphosphate' 'C12 H18 N4 O7 P2 S'
MG non-polymer 'MAGNESIUM ION' 'Mg 2'
NA non-polymer 'SODIUM ION' 'Na 1'
#
# COMPACT_ATOMS: atom_id res chain seq x y z
N VAL A 25 16.77 -21.80 2.13
CA VAL A 25 17.35 -20.86 3.22
C VAL A 25 18.40 -19.94 2.60
N ILE A 26 18.31 -18.62 2.81
CA ILE A 26 19.33 -17.73 2.27
C ILE A 26 20.43 -17.52 3.37
N GLY A 27 21.68 -17.87 3.09
CA GLY A 27 22.81 -17.54 3.99
C GLY A 27 22.76 -18.38 5.24
N THR A 28 23.31 -17.82 6.32
CA THR A 28 23.38 -18.56 7.58
C THR A 28 22.77 -17.55 8.59
N PRO A 29 21.47 -17.67 8.88
CA PRO A 29 20.79 -16.57 9.62
C PRO A 29 21.27 -16.49 11.06
N TRP A 30 21.46 -15.25 11.52
CA TRP A 30 21.61 -14.95 12.99
C TRP A 30 22.90 -15.64 13.54
N GLN A 31 24.01 -15.49 12.81
CA GLN A 31 25.30 -16.01 13.26
C GLN A 31 26.17 -14.87 13.76
N LYS A 32 26.80 -15.06 14.93
CA LYS A 32 27.76 -14.03 15.41
C LYS A 32 29.12 -14.30 14.79
N LEU A 33 29.98 -13.28 14.71
CA LEU A 33 31.35 -13.50 14.25
C LEU A 33 32.28 -13.98 15.39
N ASP A 34 32.15 -13.50 16.61
CA ASP A 34 33.22 -13.92 17.63
C ASP A 34 34.69 -13.68 17.15
N ARG A 35 34.92 -12.58 16.46
CA ARG A 35 36.26 -12.06 16.14
C ARG A 35 36.01 -10.61 15.76
N PRO A 36 37.05 -9.74 15.92
CA PRO A 36 36.88 -8.33 15.51
C PRO A 36 36.67 -8.24 13.99
N VAL A 37 35.96 -7.20 13.56
CA VAL A 37 35.95 -6.86 12.13
C VAL A 37 37.37 -6.68 11.62
N SER A 38 37.70 -7.26 10.48
CA SER A 38 39.08 -7.20 9.97
C SER A 38 39.47 -5.77 9.51
N GLU A 39 40.75 -5.48 9.57
CA GLU A 39 41.19 -4.17 9.06
C GLU A 39 40.93 -4.01 7.55
N GLU A 40 40.99 -5.11 6.81
CA GLU A 40 40.70 -5.06 5.36
C GLU A 40 39.22 -4.68 5.16
N ALA A 41 38.32 -5.18 6.02
CA ALA A 41 36.90 -4.77 5.88
C ALA A 41 36.71 -3.29 6.18
N ILE A 42 37.41 -2.80 7.18
CA ILE A 42 37.42 -1.37 7.42
C ILE A 42 37.92 -0.56 6.18
N GLU A 43 39.05 -0.95 5.60
CA GLU A 43 39.56 -0.20 4.44
C GLU A 43 38.49 -0.24 3.32
N GLY A 44 37.86 -1.39 3.14
CA GLY A 44 36.90 -1.50 2.00
C GLY A 44 35.69 -0.62 2.21
N MET A 45 35.15 -0.59 3.45
CA MET A 45 34.01 0.30 3.81
C MET A 45 34.36 1.75 3.58
N ASP A 46 35.56 2.16 3.94
CA ASP A 46 35.85 3.56 3.68
C ASP A 46 35.90 3.85 2.16
N LYS A 47 36.46 2.92 1.38
CA LYS A 47 36.42 3.07 -0.07
C LYS A 47 34.99 3.08 -0.61
N TYR A 48 34.14 2.24 -0.07
CA TYR A 48 32.72 2.22 -0.49
C TYR A 48 32.11 3.56 -0.19
N TRP A 49 32.33 4.06 1.03
CA TRP A 49 31.74 5.29 1.36
C TRP A 49 32.19 6.41 0.41
N ARG A 50 33.51 6.47 0.16
CA ARG A 50 34.10 7.50 -0.71
C ARG A 50 33.50 7.37 -2.15
N VAL A 51 33.41 6.14 -2.63
CA VAL A 51 33.00 5.98 -4.08
C VAL A 51 31.48 6.21 -4.26
N THR A 52 30.69 5.83 -3.29
CA THR A 52 29.26 6.09 -3.37
C THR A 52 28.95 7.57 -3.09
N ASN A 53 29.72 8.23 -2.20
CA ASN A 53 29.54 9.70 -2.10
C ASN A 53 29.92 10.36 -3.42
N TYR A 54 31.03 9.90 -3.96
CA TYR A 54 31.52 10.50 -5.23
C TYR A 54 30.45 10.31 -6.32
N MET A 55 29.91 9.10 -6.48
CA MET A 55 28.96 8.86 -7.58
C MET A 55 27.59 9.49 -7.28
N SER A 56 27.29 9.74 -6.01
CA SER A 56 26.01 10.35 -5.71
C SER A 56 26.15 11.81 -6.14
N ILE A 57 27.31 12.43 -5.87
CA ILE A 57 27.52 13.82 -6.34
C ILE A 57 27.56 13.84 -7.89
N GLY A 58 28.21 12.85 -8.48
CA GLY A 58 28.18 12.75 -9.98
C GLY A 58 26.78 12.70 -10.59
N GLN A 59 25.91 11.90 -10.00
CA GLN A 59 24.51 11.79 -10.42
C GLN A 59 23.79 13.10 -10.33
N ILE A 60 24.03 13.84 -9.24
CA ILE A 60 23.35 15.11 -9.11
C ILE A 60 23.89 16.16 -10.12
N TYR A 61 25.21 16.22 -10.31
CA TYR A 61 25.83 17.44 -10.88
C TYR A 61 26.36 17.27 -12.29
N LEU A 62 26.70 16.05 -12.71
CA LEU A 62 27.53 15.92 -13.93
C LEU A 62 26.78 15.33 -15.13
N ARG A 63 26.73 16.06 -16.24
CA ARG A 63 26.16 15.51 -17.48
C ARG A 63 27.23 14.79 -18.31
N SER A 64 28.51 15.05 -18.07
CA SER A 64 29.60 14.32 -18.78
C SER A 64 30.87 14.39 -17.93
N ASN A 65 31.91 13.71 -18.38
CA ASN A 65 33.22 13.71 -17.77
C ASN A 65 33.19 13.24 -16.30
N PRO A 66 32.69 12.02 -16.06
CA PRO A 66 32.51 11.53 -14.67
C PRO A 66 33.79 11.38 -13.82
N LEU A 67 34.94 11.21 -14.46
CA LEU A 67 36.26 11.06 -13.78
C LEU A 67 37.03 12.32 -13.81
N MET A 68 36.39 13.39 -14.22
CA MET A 68 37.05 14.71 -14.16
C MET A 68 38.36 14.75 -14.97
N LYS A 69 38.32 14.15 -16.14
CA LYS A 69 39.51 14.09 -17.02
C LYS A 69 39.70 15.44 -17.71
N GLU A 70 40.96 15.79 -17.89
CA GLU A 70 41.31 17.10 -18.50
C GLU A 70 40.68 17.26 -19.93
N PRO A 71 39.93 18.37 -20.25
CA PRO A 71 39.58 19.44 -19.32
C PRO A 71 38.22 19.19 -18.62
N PHE A 72 38.21 19.50 -17.33
CA PHE A 72 36.96 19.38 -16.60
C PHE A 72 36.48 20.76 -16.36
N THR A 73 35.30 21.11 -16.83
CA THR A 73 34.87 22.51 -16.75
C THR A 73 33.38 22.56 -16.47
N ARG A 74 32.88 23.77 -16.28
CA ARG A 74 31.45 24.02 -16.11
C ARG A 74 30.60 23.38 -17.17
N ASP A 75 31.17 23.13 -18.36
CA ASP A 75 30.36 22.60 -19.42
C ASP A 75 29.92 21.17 -19.11
N ASP A 76 30.66 20.52 -18.22
CA ASP A 76 30.30 19.14 -17.75
C ASP A 76 29.18 19.08 -16.73
N VAL A 77 28.76 20.25 -16.24
CA VAL A 77 27.78 20.31 -15.15
C VAL A 77 26.37 20.41 -15.75
N LYS A 78 25.45 19.71 -15.13
CA LYS A 78 24.05 19.74 -15.58
C LYS A 78 23.44 21.14 -15.58
N HIS A 79 22.57 21.34 -16.58
CA HIS A 79 21.87 22.62 -16.72
C HIS A 79 20.71 22.74 -15.71
N ARG A 80 20.16 21.61 -15.25
CA ARG A 80 19.09 21.63 -14.26
C ARG A 80 19.54 20.80 -13.04
N LEU A 81 20.01 21.46 -12.00
CA LEU A 81 20.60 20.69 -10.83
C LEU A 81 19.52 20.24 -9.90
N VAL A 82 19.16 18.94 -9.91
CA VAL A 82 18.02 18.52 -9.12
C VAL A 82 18.39 17.24 -8.32
N GLY A 83 17.72 17.06 -7.16
CA GLY A 83 18.00 15.89 -6.32
C GLY A 83 18.24 16.32 -4.89
N ALA A 84 18.74 15.39 -4.04
CA ALA A 84 18.86 15.72 -2.62
C ALA A 84 20.20 15.16 -2.12
N TRP A 85 21.08 16.05 -1.70
CA TRP A 85 22.35 15.63 -1.13
C TRP A 85 22.28 15.31 0.39
N GLY A 86 21.50 16.07 1.21
CA GLY A 86 21.80 16.09 2.71
C GLY A 86 21.78 14.70 3.32
N THR A 87 20.74 13.92 2.99
CA THR A 87 20.60 12.59 3.67
C THR A 87 21.68 11.60 3.19
N THR A 88 22.09 11.79 1.94
CA THR A 88 22.80 10.81 1.15
C THR A 88 24.14 10.28 1.69
N PRO A 89 25.08 11.14 2.10
CA PRO A 89 26.34 10.57 2.68
C PRO A 89 26.08 9.75 3.97
N GLY A 90 25.06 10.08 4.75
CA GLY A 90 24.68 9.28 5.91
C GLY A 90 24.16 7.93 5.46
N LEU A 91 23.27 7.91 4.46
CA LEU A 91 22.87 6.60 3.91
C LEU A 91 24.04 5.79 3.34
N ASN A 92 24.97 6.47 2.65
CA ASN A 92 26.11 5.79 2.04
C ASN A 92 27.00 5.15 3.13
N PHE A 93 27.12 5.85 4.25
CA PHE A 93 27.91 5.32 5.33
C PHE A 93 27.26 4.08 5.93
N LEU A 94 25.96 4.18 6.18
CA LEU A 94 25.22 3.01 6.72
C LEU A 94 25.21 1.85 5.79
N LEU A 95 25.04 2.15 4.46
CA LEU A 95 25.08 1.05 3.49
C LEU A 95 26.44 0.36 3.41
N ALA A 96 27.55 1.10 3.61
CA ALA A 96 28.84 0.43 3.65
C ALA A 96 28.81 -0.61 4.80
N HIS A 97 28.35 -0.14 5.96
CA HIS A 97 28.39 -1.01 7.14
C HIS A 97 27.40 -2.16 7.08
N ILE A 98 26.25 -1.94 6.45
CA ILE A 98 25.23 -2.99 6.34
C ILE A 98 25.78 -4.02 5.35
N ASN A 99 26.33 -3.53 4.23
CA ASN A 99 27.01 -4.47 3.29
C ASN A 99 28.09 -5.34 3.97
N ARG A 100 28.92 -4.67 4.78
CA ARG A 100 30.02 -5.43 5.47
C ARG A 100 29.34 -6.50 6.37
N LEU A 101 28.29 -6.10 7.08
CA LEU A 101 27.60 -7.03 8.01
C LEU A 101 27.01 -8.23 7.26
N ILE A 102 26.36 -7.92 6.13
CA ILE A 102 25.71 -9.00 5.37
C ILE A 102 26.80 -10.02 4.92
N ALA A 103 27.95 -9.52 4.41
CA ALA A 103 29.01 -10.35 3.88
C ALA A 103 29.61 -11.24 5.03
N ASP A 104 29.97 -10.59 6.12
CA ASP A 104 30.64 -11.31 7.27
C ASP A 104 29.73 -12.34 7.92
N HIS A 105 28.42 -12.03 8.05
CA HIS A 105 27.50 -12.89 8.79
C HIS A 105 26.68 -13.78 7.84
N GLN A 106 26.83 -13.55 6.54
CA GLN A 106 25.98 -14.18 5.50
C GLN A 106 24.51 -14.02 5.82
N GLN A 107 24.08 -12.77 6.07
CA GLN A 107 22.77 -12.53 6.68
C GLN A 107 21.80 -12.08 5.62
N ASN A 108 20.72 -12.85 5.49
CA ASN A 108 19.56 -12.51 4.59
C ASN A 108 18.98 -11.12 5.04
N THR A 109 19.06 -10.15 4.15
CA THR A 109 18.82 -8.74 4.55
C THR A 109 18.11 -7.92 3.45
N VAL A 110 17.07 -7.16 3.83
CA VAL A 110 16.49 -6.09 2.97
C VAL A 110 16.59 -4.82 3.82
N PHE A 111 17.03 -3.71 3.27
CA PHE A 111 16.95 -2.48 4.04
C PHE A 111 15.77 -1.63 3.61
N ILE A 112 15.38 -0.68 4.47
CA ILE A 112 14.36 0.31 4.06
C ILE A 112 15.03 1.68 4.04
N MET A 113 14.89 2.38 2.93
CA MET A 113 15.40 3.74 2.90
C MET A 113 14.26 4.70 3.26
N GLY A 114 14.03 4.98 4.53
CA GLY A 114 13.01 5.97 4.96
C GLY A 114 13.13 7.27 4.16
N PRO A 115 14.31 7.90 4.16
CA PRO A 115 14.48 9.15 3.40
C PRO A 115 14.73 8.84 1.91
N GLY A 116 13.65 8.53 1.17
CA GLY A 116 13.76 7.94 -0.13
C GLY A 116 14.25 8.98 -1.14
N HIS A 117 14.27 10.28 -0.75
CA HIS A 117 14.92 11.29 -1.59
C HIS A 117 16.42 11.06 -1.62
N GLY A 118 16.91 10.12 -0.79
CA GLY A 118 18.34 9.75 -0.94
C GLY A 118 18.57 8.68 -2.04
N GLY A 119 17.68 8.64 -3.03
CA GLY A 119 17.87 7.78 -4.24
C GLY A 119 19.29 7.57 -4.75
N PRO A 120 20.13 8.61 -4.81
CA PRO A 120 21.44 8.32 -5.31
C PRO A 120 22.27 7.40 -4.46
N ALA A 121 21.96 7.30 -3.18
CA ALA A 121 22.66 6.25 -2.37
C ALA A 121 22.22 4.83 -2.77
N GLY A 122 20.97 4.70 -3.18
CA GLY A 122 20.42 3.42 -3.48
C GLY A 122 20.83 2.99 -4.88
N THR A 123 20.82 3.94 -5.85
CA THR A 123 21.35 3.60 -7.18
C THR A 123 22.84 3.30 -7.02
N SER A 124 23.58 4.13 -6.26
CA SER A 124 25.03 3.81 -6.08
C SER A 124 25.28 2.42 -5.49
N GLN A 125 24.44 2.04 -4.54
CA GLN A 125 24.64 0.74 -3.80
C GLN A 125 24.54 -0.33 -4.90
N SER A 126 23.51 -0.21 -5.73
CA SER A 126 23.27 -1.29 -6.76
C SER A 126 24.39 -1.32 -7.84
N TYR A 127 24.88 -0.13 -8.24
CA TYR A 127 25.95 -0.06 -9.21
C TYR A 127 27.23 -0.75 -8.62
N VAL A 128 27.47 -0.50 -7.33
CA VAL A 128 28.66 -1.07 -6.70
C VAL A 128 28.47 -2.58 -6.56
N ASP A 129 27.30 -3.01 -6.15
CA ASP A 129 27.16 -4.47 -5.87
C ASP A 129 27.04 -5.26 -7.16
N GLY A 130 26.88 -4.57 -8.30
CA GLY A 130 26.88 -5.25 -9.60
C GLY A 130 25.47 -5.52 -10.16
N THR A 131 24.44 -5.49 -9.34
CA THR A 131 23.06 -5.71 -9.81
C THR A 131 22.68 -4.62 -10.81
N TYR A 132 23.22 -3.40 -10.66
CA TYR A 132 22.69 -2.33 -11.54
C TYR A 132 22.98 -2.74 -13.05
N THR A 133 24.22 -3.14 -13.29
CA THR A 133 24.68 -3.51 -14.67
C THR A 133 23.97 -4.81 -15.08
N GLU A 134 23.76 -5.70 -14.12
CA GLU A 134 22.99 -6.97 -14.43
C GLU A 134 21.56 -6.67 -14.91
N TYR A 135 20.89 -5.73 -14.24
CA TYR A 135 19.51 -5.40 -14.65
C TYR A 135 19.44 -4.42 -15.80
N TYR A 136 20.48 -3.58 -15.92
CA TYR A 136 20.54 -2.52 -16.90
C TYR A 136 21.85 -2.60 -17.66
N PRO A 137 21.91 -3.49 -18.68
CA PRO A 137 23.16 -3.79 -19.36
C PRO A 137 23.86 -2.66 -20.02
N ASN A 138 23.14 -1.61 -20.39
CA ASN A 138 23.76 -0.49 -21.06
C ASN A 138 24.62 0.34 -20.05
N ILE A 139 24.34 0.17 -18.76
CA ILE A 139 25.04 1.01 -17.76
C ILE A 139 26.22 0.20 -17.23
N THR A 140 27.35 0.30 -17.91
CA THR A 140 28.35 -0.76 -17.82
C THR A 140 29.33 -0.32 -16.70
N LYS A 141 30.15 -1.26 -16.24
CA LYS A 141 31.24 -0.93 -15.24
C LYS A 141 32.51 -0.37 -15.81
N ASP A 142 32.43 0.82 -16.40
CA ASP A 142 33.56 1.44 -17.02
C ASP A 142 33.23 2.90 -17.24
N GLU A 143 34.17 3.68 -17.77
CA GLU A 143 34.02 5.12 -17.87
C GLU A 143 32.74 5.47 -18.66
N ALA A 144 32.49 4.71 -19.71
CA ALA A 144 31.29 5.05 -20.53
C ALA A 144 29.98 4.76 -19.76
N GLY A 145 29.91 3.63 -19.05
CA GLY A 145 28.75 3.30 -18.24
C GLY A 145 28.56 4.33 -17.09
N LEU A 146 29.69 4.78 -16.49
CA LEU A 146 29.68 5.70 -15.37
C LEU A 146 29.15 7.06 -15.89
N GLN A 147 29.58 7.46 -17.10
CA GLN A 147 29.10 8.75 -17.63
C GLN A 147 27.58 8.68 -17.77
N LYS A 148 27.10 7.55 -18.31
CA LYS A 148 25.67 7.35 -18.51
C LYS A 148 24.93 7.32 -17.21
N PHE A 149 25.52 6.63 -16.24
CA PHE A 149 24.93 6.53 -14.87
C PHE A 149 24.77 7.94 -14.26
N PHE A 150 25.81 8.80 -14.35
CA PHE A 150 25.68 10.14 -13.81
C PHE A 150 24.59 10.96 -14.52
N ARG A 151 24.62 10.93 -15.86
CA ARG A 151 23.65 11.76 -16.56
C ARG A 151 22.20 11.33 -16.32
N GLN A 152 21.93 10.04 -16.34
CA GLN A 152 20.55 9.61 -16.34
C GLN A 152 19.79 9.96 -15.02
N PHE A 153 20.53 10.18 -13.89
CA PHE A 153 19.83 10.37 -12.63
C PHE A 153 18.95 11.64 -12.68
N SER A 154 17.64 11.53 -12.42
CA SER A 154 16.69 12.67 -12.35
C SER A 154 16.72 13.46 -13.65
N TYR A 155 16.74 12.74 -14.77
CA TYR A 155 17.03 13.41 -16.06
C TYR A 155 15.99 12.94 -17.10
N PRO A 156 15.61 13.85 -17.99
CA PRO A 156 14.62 13.41 -19.01
C PRO A 156 15.03 12.18 -19.75
N GLY A 157 14.16 11.19 -19.76
CA GLY A 157 14.36 9.92 -20.41
C GLY A 157 15.17 9.00 -19.46
N GLY A 158 15.59 9.56 -18.29
CA GLY A 158 16.46 8.74 -17.38
C GLY A 158 15.67 8.07 -16.24
N ILE A 159 16.19 8.23 -15.01
CA ILE A 159 15.63 7.47 -13.91
C ILE A 159 15.15 8.49 -12.82
N PRO A 160 14.37 8.01 -11.84
CA PRO A 160 13.79 8.87 -10.81
C PRO A 160 14.83 9.45 -9.85
N SER A 161 14.37 10.42 -9.08
CA SER A 161 15.26 11.05 -8.07
C SER A 161 15.25 10.24 -6.74
N HIS A 162 14.19 9.48 -6.51
CA HIS A 162 13.98 8.73 -5.24
C HIS A 162 14.36 7.27 -5.42
N PHE A 163 14.31 6.52 -4.34
CA PHE A 163 14.65 5.12 -4.40
C PHE A 163 13.49 4.29 -5.02
N ALA A 164 13.23 4.55 -6.30
CA ALA A 164 12.02 4.02 -6.97
C ALA A 164 12.04 2.53 -7.24
N PRO A 165 10.87 1.95 -7.59
CA PRO A 165 10.78 0.53 -7.88
C PRO A 165 11.74 0.11 -9.03
N GLU A 166 12.17 1.02 -9.86
CA GLU A 166 13.09 0.55 -10.85
C GLU A 166 14.57 0.39 -10.30
N THR A 167 14.75 0.51 -8.98
CA THR A 167 16.11 0.38 -8.47
C THR A 167 16.20 -0.99 -7.80
N PRO A 168 17.19 -1.81 -8.19
CA PRO A 168 17.33 -3.11 -7.50
C PRO A 168 17.61 -2.89 -5.99
N GLY A 169 16.91 -3.63 -5.11
CA GLY A 169 17.08 -3.38 -3.66
C GLY A 169 15.98 -2.62 -2.98
N SER A 170 15.15 -1.91 -3.77
CA SER A 170 13.99 -1.19 -3.21
C SER A 170 12.70 -1.97 -3.09
N ILE A 171 12.07 -1.90 -1.91
CA ILE A 171 10.65 -2.24 -1.78
C ILE A 171 9.87 -1.06 -1.22
N HIS A 172 10.44 0.16 -1.29
CA HIS A 172 9.91 1.30 -0.57
C HIS A 172 10.61 2.52 -1.13
N GLU A 173 9.83 3.38 -1.79
CA GLU A 173 10.41 4.51 -2.50
C GLU A 173 10.67 5.72 -1.57
N GLY A 174 9.89 5.80 -0.50
CA GLY A 174 10.12 6.82 0.58
C GLY A 174 10.02 8.27 0.09
N GLY A 175 9.13 8.51 -0.90
CA GLY A 175 8.84 9.93 -1.30
C GLY A 175 7.83 10.56 -0.35
N GLU A 176 6.76 9.82 -0.05
CA GLU A 176 5.83 10.26 0.95
C GLU A 176 6.25 9.61 2.29
N LEU A 177 6.88 10.39 3.16
CA LEU A 177 7.49 9.84 4.39
C LEU A 177 6.47 9.28 5.31
N GLY A 178 6.86 8.25 6.10
CA GLY A 178 5.95 7.85 7.21
C GLY A 178 5.84 6.34 7.29
N TYR A 179 6.08 5.63 6.15
CA TYR A 179 5.69 4.19 6.15
C TYR A 179 6.89 3.26 6.33
N ALA A 180 8.02 3.81 6.73
CA ALA A 180 9.20 2.99 6.74
C ALA A 180 9.09 1.82 7.72
N LEU A 181 8.59 2.08 8.93
CA LEU A 181 8.52 1.04 9.95
C LEU A 181 7.39 0.04 9.65
N SER A 182 6.22 0.49 9.26
CA SER A 182 5.22 -0.53 8.93
C SER A 182 5.74 -1.42 7.77
N HIS A 183 6.37 -0.86 6.72
CA HIS A 183 6.90 -1.76 5.69
C HIS A 183 7.98 -2.71 6.26
N ALA A 184 8.89 -2.13 7.09
CA ALA A 184 9.92 -3.02 7.72
C ALA A 184 9.31 -4.14 8.46
N TYR A 185 8.29 -3.86 9.30
CA TYR A 185 7.77 -4.96 10.17
C TYR A 185 6.90 -5.90 9.31
N GLY A 186 6.20 -5.35 8.30
CA GLY A 186 5.42 -6.34 7.51
C GLY A 186 6.40 -7.28 6.72
N ALA A 187 7.52 -6.76 6.24
CA ALA A 187 8.55 -7.60 5.57
C ALA A 187 9.01 -8.75 6.43
N VAL A 188 9.17 -8.51 7.75
CA VAL A 188 9.65 -9.66 8.57
C VAL A 188 8.63 -10.62 9.07
N MET A 189 7.34 -10.34 8.92
CA MET A 189 6.31 -11.27 9.40
C MET A 189 6.38 -12.54 8.62
N ASN A 190 6.25 -13.63 9.36
CA ASN A 190 6.52 -15.00 8.79
C ASN A 190 7.83 -15.13 8.00
N ASN A 191 8.86 -14.30 8.34
CA ASN A 191 10.07 -14.32 7.59
C ASN A 191 11.21 -14.45 8.60
N PRO A 192 11.28 -15.60 9.30
CA PRO A 192 12.16 -15.63 10.49
C PRO A 192 13.61 -15.51 10.20
N SER A 193 14.06 -15.78 8.94
CA SER A 193 15.49 -15.60 8.64
C SER A 193 15.85 -14.15 8.17
N LEU A 194 14.87 -13.22 8.07
CA LEU A 194 15.19 -11.93 7.40
C LEU A 194 15.52 -10.87 8.42
N PHE A 195 16.51 -10.10 8.07
CA PHE A 195 16.92 -8.95 8.92
C PHE A 195 16.59 -7.66 8.12
N VAL A 196 15.88 -6.72 8.72
CA VAL A 196 15.61 -5.48 8.07
C VAL A 196 16.14 -4.30 8.88
N PRO A 197 17.30 -3.75 8.48
CA PRO A 197 17.76 -2.46 9.05
C PRO A 197 16.88 -1.38 8.36
N CYS A 198 16.14 -0.63 9.18
CA CYS A 198 15.12 0.27 8.65
C CYS A 198 15.60 1.70 8.94
N ILE A 199 16.02 2.42 7.90
CA ILE A 199 16.62 3.74 8.06
C ILE A 199 15.53 4.78 8.05
N ILE A 200 15.35 5.53 9.16
CA ILE A 200 14.18 6.39 9.32
C ILE A 200 14.65 7.85 9.35
N GLY A 201 14.08 8.73 8.51
CA GLY A 201 14.56 10.14 8.68
C GLY A 201 14.15 10.74 10.04
N ASP A 202 14.92 11.70 10.57
CA ASP A 202 14.43 12.27 11.80
C ASP A 202 13.25 13.24 11.53
N GLY A 203 13.19 13.84 10.33
CA GLY A 203 11.94 14.59 9.91
C GLY A 203 10.80 13.58 9.78
N GLU A 204 11.10 12.49 9.11
CA GLU A 204 10.08 11.45 8.89
C GLU A 204 9.42 10.99 10.21
N ALA A 205 10.26 10.94 11.26
CA ALA A 205 9.76 10.51 12.53
C ALA A 205 8.76 11.49 13.20
N GLU A 206 8.65 12.76 12.71
CA GLU A 206 7.57 13.68 13.11
C GLU A 206 6.22 13.36 12.48
N THR A 207 6.18 12.44 11.51
CA THR A 207 4.84 12.03 10.94
C THR A 207 4.08 11.11 11.85
N GLY A 208 2.75 11.19 11.75
CA GLY A 208 1.88 10.25 12.44
C GLY A 208 2.16 8.80 12.18
N PRO A 209 2.17 8.43 10.90
CA PRO A 209 2.35 6.99 10.61
C PRO A 209 3.71 6.43 11.14
N LEU A 210 4.78 7.22 11.02
CA LEU A 210 6.04 6.76 11.56
C LEU A 210 5.95 6.59 13.11
N ALA A 211 5.41 7.60 13.79
CA ALA A 211 5.31 7.61 15.26
C ALA A 211 4.61 6.39 15.76
N THR A 212 3.54 5.96 15.14
CA THR A 212 2.93 4.70 15.59
C THR A 212 3.66 3.39 15.14
N GLY A 213 4.40 3.46 14.03
CA GLY A 213 5.16 2.31 13.49
C GLY A 213 6.15 1.78 14.53
N TRP A 214 6.68 2.65 15.42
CA TRP A 214 7.59 2.08 16.46
C TRP A 214 6.96 1.00 17.29
N GLN A 215 5.66 1.09 17.49
CA GLN A 215 4.96 0.16 18.35
C GLN A 215 4.74 -1.26 17.80
N SER A 216 5.16 -1.51 16.59
CA SER A 216 4.97 -2.78 15.94
C SER A 216 5.69 -3.92 16.62
N ASN A 217 6.77 -3.61 17.40
CA ASN A 217 7.43 -4.68 18.12
C ASN A 217 6.54 -5.40 19.13
N LYS A 218 5.34 -4.92 19.45
CA LYS A 218 4.37 -5.69 20.26
C LYS A 218 3.54 -6.68 19.44
N LEU A 219 3.75 -6.67 18.14
CA LEU A 219 2.88 -7.44 17.22
C LEU A 219 3.63 -8.48 16.37
N VAL A 220 4.93 -8.63 16.61
CA VAL A 220 5.79 -9.63 15.92
C VAL A 220 6.35 -10.58 16.97
N ASN A 221 6.72 -11.78 16.52
CA ASN A 221 7.21 -12.79 17.43
C ASN A 221 8.64 -13.07 17.06
N PRO A 222 9.58 -13.06 18.07
CA PRO A 222 10.97 -13.23 17.70
C PRO A 222 11.34 -14.65 17.18
N ARG A 223 10.49 -15.66 17.44
CA ARG A 223 10.78 -16.96 16.88
C ARG A 223 10.24 -17.10 15.44
N THR A 224 8.96 -16.74 15.20
CA THR A 224 8.30 -17.02 13.88
C THR A 224 8.42 -15.91 12.86
N ASP A 225 8.76 -14.72 13.33
CA ASP A 225 9.05 -13.55 12.43
C ASP A 225 10.55 -13.22 12.42
N GLY A 226 10.97 -12.31 11.51
CA GLY A 226 12.38 -11.92 11.43
C GLY A 226 12.58 -10.73 12.32
N ILE A 227 13.64 -9.95 12.12
CA ILE A 227 13.98 -8.91 13.12
C ILE A 227 14.15 -7.58 12.34
N VAL A 228 13.47 -6.50 12.81
CA VAL A 228 13.75 -5.16 12.27
C VAL A 228 14.76 -4.50 13.23
N LEU A 229 15.76 -3.83 12.67
CA LEU A 229 16.62 -2.88 13.43
C LEU A 229 16.28 -1.45 12.98
N PRO A 230 15.57 -0.67 13.81
CA PRO A 230 15.30 0.71 13.37
C PRO A 230 16.56 1.47 13.57
N ILE A 231 16.92 2.30 12.58
CA ILE A 231 18.06 3.15 12.65
C ILE A 231 17.52 4.54 12.39
N LEU A 232 17.59 5.35 13.41
CA LEU A 232 17.12 6.73 13.28
C LEU A 232 18.25 7.54 12.69
N HIS A 233 17.99 8.13 11.52
CA HIS A 233 19.03 8.86 10.82
C HIS A 233 18.94 10.28 11.43
N LEU A 234 19.57 10.44 12.60
CA LEU A 234 19.36 11.63 13.39
C LEU A 234 20.33 12.71 12.94
N ASN A 235 20.10 13.23 11.71
CA ASN A 235 21.09 14.21 11.17
C ASN A 235 20.80 15.64 11.53
N GLY A 236 19.80 15.81 12.39
CA GLY A 236 19.49 17.08 13.08
C GLY A 236 18.48 17.97 12.41
N TYR A 237 18.13 17.67 11.13
CA TYR A 237 17.38 18.61 10.33
C TYR A 237 16.48 17.89 9.36
N LYS A 238 15.50 18.62 8.93
CA LYS A 238 14.61 18.17 7.80
C LYS A 238 14.92 19.26 6.73
N ILE A 239 13.95 19.85 6.03
CA ILE A 239 14.31 20.71 4.86
C ILE A 239 14.74 22.08 5.28
N ALA A 240 14.05 22.65 6.26
CA ALA A 240 14.27 24.06 6.58
C ALA A 240 14.14 24.28 8.06
N ASN A 241 14.39 23.25 8.88
CA ASN A 241 14.13 23.30 10.31
C ASN A 241 14.97 22.19 10.95
N PRO A 242 15.33 22.35 12.23
CA PRO A 242 15.85 21.20 12.97
C PRO A 242 14.69 20.18 13.14
N THR A 243 15.00 19.01 13.73
CA THR A 243 13.91 18.03 13.97
C THR A 243 13.68 17.94 15.48
N ILE A 244 12.47 17.48 15.81
CA ILE A 244 12.02 17.41 17.20
C ILE A 244 12.99 16.47 17.95
N LEU A 245 13.26 15.29 17.37
CA LEU A 245 14.01 14.25 18.10
C LEU A 245 15.48 14.63 18.23
N ALA A 246 15.99 15.51 17.36
CA ALA A 246 17.36 15.80 17.43
C ALA A 246 17.65 16.86 18.52
N ARG A 247 16.63 17.60 18.93
CA ARG A 247 16.87 18.77 19.82
C ARG A 247 16.34 18.53 21.22
N ILE A 248 15.61 17.44 21.43
CA ILE A 248 15.19 17.08 22.82
C ILE A 248 16.44 16.60 23.58
N SER A 249 16.36 16.49 24.90
CA SER A 249 17.59 16.01 25.63
C SER A 249 17.88 14.54 25.34
N ASP A 250 19.13 14.13 25.58
CA ASP A 250 19.55 12.72 25.35
C ASP A 250 18.73 11.85 26.25
N GLU A 251 18.48 12.33 27.47
CA GLU A 251 17.73 11.51 28.42
C GLU A 251 16.28 11.26 27.94
N GLU A 252 15.66 12.28 27.37
CA GLU A 252 14.29 12.04 26.84
C GLU A 252 14.35 11.08 25.65
N LEU A 253 15.33 11.29 24.75
CA LEU A 253 15.39 10.46 23.55
C LEU A 253 15.55 8.98 23.94
N HIS A 254 16.44 8.69 24.91
CA HIS A 254 16.61 7.29 25.29
C HIS A 254 15.38 6.78 25.98
N ASP A 255 14.74 7.57 26.83
CA ASP A 255 13.54 7.11 27.57
C ASP A 255 12.44 6.77 26.55
N PHE A 256 12.38 7.60 25.55
CA PHE A 256 11.33 7.41 24.49
C PHE A 256 11.48 6.05 23.86
N PHE A 257 12.69 5.69 23.39
CA PHE A 257 12.87 4.39 22.72
C PHE A 257 12.76 3.21 23.69
N ARG A 258 13.33 3.39 24.89
CA ARG A 258 13.07 2.34 25.92
C ARG A 258 11.59 2.17 26.25
N GLY A 259 10.80 3.26 26.24
CA GLY A 259 9.37 3.15 26.58
C GLY A 259 8.58 2.45 25.47
N MET A 260 9.14 2.40 24.25
CA MET A 260 8.48 1.73 23.11
C MET A 260 9.08 0.32 22.91
N GLY A 261 9.80 -0.19 23.95
CA GLY A 261 10.23 -1.57 23.92
C GLY A 261 11.51 -1.80 23.18
N TYR A 262 12.41 -0.79 23.09
CA TYR A 262 13.69 -1.01 22.42
C TYR A 262 14.83 -0.86 23.41
N HIS A 263 16.02 -1.41 23.06
CA HIS A 263 17.26 -1.08 23.81
C HIS A 263 18.02 -0.09 22.95
N PRO A 264 18.03 1.20 23.35
CA PRO A 264 18.61 2.16 22.44
C PRO A 264 20.10 2.19 22.50
N TYR A 265 20.76 2.19 21.34
CA TYR A 265 22.18 2.39 21.28
C TYR A 265 22.38 3.70 20.55
N GLU A 266 23.43 4.42 20.79
CA GLU A 266 23.57 5.72 20.12
C GLU A 266 24.99 5.81 19.58
N PHE A 267 25.15 6.25 18.33
CA PHE A 267 26.42 6.54 17.78
C PHE A 267 26.49 8.01 17.35
N VAL A 268 27.60 8.63 17.67
CA VAL A 268 27.79 10.06 17.31
C VAL A 268 29.09 10.17 16.55
N ALA A 269 29.12 10.84 15.35
CA ALA A 269 30.34 10.94 14.59
C ALA A 269 30.25 12.08 13.61
N GLY A 270 31.40 12.63 13.27
CA GLY A 270 31.45 13.57 12.11
C GLY A 270 31.41 15.00 12.68
N PHE A 271 31.27 15.18 14.01
CA PHE A 271 31.12 16.57 14.53
C PHE A 271 32.47 17.14 14.98
N ASP A 272 33.54 16.37 14.93
CA ASP A 272 34.84 16.88 15.43
C ASP A 272 35.87 16.46 14.39
N ASN A 273 37.14 16.39 14.78
CA ASN A 273 38.21 16.07 13.84
C ASN A 273 38.59 14.56 13.82
N GLU A 274 37.75 13.68 14.34
CA GLU A 274 38.04 12.24 14.33
C GLU A 274 38.26 11.78 12.89
N ASP A 275 39.31 10.97 12.65
CA ASP A 275 39.63 10.56 11.23
C ASP A 275 38.58 9.53 10.81
N HIS A 276 38.27 9.46 9.52
CA HIS A 276 37.21 8.52 9.07
C HIS A 276 37.47 7.08 9.35
N MET A 277 38.73 6.64 9.23
CA MET A 277 39.04 5.20 9.53
C MET A 277 38.69 4.93 10.99
N SER A 278 39.07 5.82 11.94
CA SER A 278 38.65 5.61 13.35
C SER A 278 37.15 5.49 13.52
N ILE A 279 36.41 6.27 12.75
CA ILE A 279 34.97 6.32 12.83
C ILE A 279 34.41 4.98 12.37
N HIS A 280 34.90 4.50 11.23
CA HIS A 280 34.50 3.15 10.76
C HIS A 280 34.80 2.04 11.77
N ARG A 281 35.96 2.10 12.41
CA ARG A 281 36.24 1.01 13.36
C ARG A 281 35.27 1.06 14.54
N ARG A 282 35.00 2.30 15.03
CA ARG A 282 34.08 2.45 16.17
C ARG A 282 32.68 2.04 15.75
N PHE A 283 32.26 2.40 14.53
CA PHE A 283 30.89 1.98 14.19
C PHE A 283 30.77 0.46 14.01
N ALA A 284 31.77 -0.13 13.36
CA ALA A 284 31.74 -1.57 13.08
C ALA A 284 31.68 -2.31 14.42
N GLU A 285 32.45 -1.82 15.41
CA GLU A 285 32.42 -2.48 16.73
C GLU A 285 31.00 -2.39 17.33
N LEU A 286 30.39 -1.20 17.26
CA LEU A 286 29.05 -1.01 17.79
C LEU A 286 28.03 -1.88 17.05
N PHE A 287 28.18 -1.92 15.72
CA PHE A 287 27.14 -2.61 14.96
C PHE A 287 27.26 -4.14 15.23
N GLU A 288 28.50 -4.61 15.50
CA GLU A 288 28.69 -6.01 15.90
C GLU A 288 28.04 -6.26 17.30
N THR A 289 28.17 -5.31 18.27
CA THR A 289 27.47 -5.43 19.56
C THR A 289 25.95 -5.58 19.40
N ILE A 290 25.47 -4.76 18.52
CA ILE A 290 24.03 -4.78 18.29
C ILE A 290 23.58 -6.04 17.60
N PHE A 291 24.32 -6.46 16.59
CA PHE A 291 23.93 -7.68 15.88
C PHE A 291 24.04 -8.90 16.77
N ASP A 292 25.06 -8.88 17.65
CA ASP A 292 25.20 -9.96 18.64
C ASP A 292 24.00 -10.04 19.52
N GLU A 293 23.47 -8.89 19.93
CA GLU A 293 22.29 -8.85 20.76
C GLU A 293 21.06 -9.40 20.03
N ILE A 294 20.95 -9.02 18.75
CA ILE A 294 19.90 -9.62 17.90
C ILE A 294 20.07 -11.14 17.77
N CYS A 295 21.31 -11.64 17.60
CA CYS A 295 21.50 -13.10 17.55
C CYS A 295 21.15 -13.74 18.83
N ASP A 296 21.48 -13.07 19.95
CA ASP A 296 21.09 -13.66 21.29
C ASP A 296 19.58 -13.74 21.41
N ILE A 297 18.91 -12.67 20.98
CA ILE A 297 17.46 -12.68 21.06
C ILE A 297 16.92 -13.80 20.16
N LYS A 298 17.46 -13.95 18.94
CA LYS A 298 16.94 -15.03 18.05
C LYS A 298 17.20 -16.43 18.64
N ALA A 299 18.38 -16.63 19.22
CA ALA A 299 18.64 -17.92 19.90
C ALA A 299 17.70 -18.15 21.08
N ALA A 300 17.54 -17.14 21.92
CA ALA A 300 16.72 -17.30 23.11
C ALA A 300 15.26 -17.64 22.69
N ALA A 301 14.80 -17.00 21.58
CA ALA A 301 13.38 -17.20 21.13
C ALA A 301 13.09 -18.64 20.69
N GLN A 302 14.15 -19.42 20.46
CA GLN A 302 13.94 -20.85 20.13
C GLN A 302 13.39 -21.61 21.31
N THR A 303 13.67 -21.09 22.49
CA THR A 303 13.18 -21.70 23.74
C THR A 303 12.08 -20.92 24.42
N ASP A 304 12.19 -19.58 24.45
CA ASP A 304 11.17 -18.79 25.11
C ASP A 304 10.64 -17.88 23.99
N ASP A 305 9.52 -18.22 23.40
CA ASP A 305 9.04 -17.34 22.35
C ASP A 305 7.88 -16.48 22.88
N MET A 306 7.66 -16.54 24.21
CA MET A 306 6.56 -15.76 24.85
C MET A 306 7.11 -14.47 25.51
N THR A 307 8.36 -14.41 25.92
CA THR A 307 8.82 -13.15 26.51
C THR A 307 9.19 -12.16 25.40
N ARG A 308 8.55 -10.98 25.36
CA ARG A 308 8.93 -9.95 24.37
C ARG A 308 10.29 -9.37 24.76
N PRO A 309 11.30 -9.44 23.87
CA PRO A 309 12.61 -8.87 24.20
C PRO A 309 12.62 -7.36 23.97
N PHE A 310 13.59 -6.69 24.55
CA PHE A 310 13.79 -5.26 24.12
C PHE A 310 14.69 -5.26 22.88
N TYR A 311 14.15 -5.10 21.67
CA TYR A 311 14.95 -5.16 20.50
C TYR A 311 15.86 -3.96 20.44
N PRO A 312 17.10 -4.11 19.97
CA PRO A 312 17.97 -2.93 19.81
C PRO A 312 17.35 -1.95 18.81
N MET A 313 17.68 -0.68 19.01
CA MET A 313 17.45 0.28 17.92
C MET A 313 18.70 1.18 17.99
N LEU A 314 19.00 1.87 16.88
CA LEU A 314 20.16 2.67 16.79
C LEU A 314 19.82 4.11 16.53
N ILE A 315 20.32 4.98 17.41
CA ILE A 315 20.29 6.44 17.18
C ILE A 315 21.57 6.78 16.46
N PHE A 316 21.48 7.30 15.22
CA PHE A 316 22.70 7.49 14.41
C PHE A 316 22.80 8.95 14.23
N ARG A 317 23.76 9.60 14.94
CA ARG A 317 23.74 11.07 14.92
C ARG A 317 25.00 11.56 14.19
N THR A 318 24.85 12.15 12.98
CA THR A 318 25.97 12.56 12.13
C THR A 318 25.51 13.86 11.45
N PRO A 319 26.43 14.62 10.88
CA PRO A 319 26.02 15.98 10.43
C PRO A 319 25.29 15.83 9.08
N LYS A 320 24.20 16.52 8.93
CA LYS A 320 23.46 16.41 7.61
C LYS A 320 24.38 16.89 6.50
N GLY A 321 24.41 16.18 5.36
CA GLY A 321 25.30 16.52 4.27
C GLY A 321 26.75 16.20 4.51
N TRP A 322 27.01 15.45 5.61
CA TRP A 322 28.36 15.01 6.00
C TRP A 322 29.35 14.84 4.86
N THR A 323 30.47 15.57 4.95
CA THR A 323 31.63 15.58 4.00
C THR A 323 31.50 16.60 2.87
N CYS A 324 30.35 17.25 2.75
CA CYS A 324 30.26 18.36 1.83
C CYS A 324 30.98 19.61 2.44
N PRO A 325 31.12 20.70 1.65
CA PRO A 325 31.82 21.90 2.17
C PRO A 325 31.14 22.44 3.45
N LYS A 326 31.96 22.83 4.42
CA LYS A 326 31.34 23.25 5.68
C LYS A 326 30.56 24.58 5.53
N PHE A 327 31.11 25.52 4.72
CA PHE A 327 30.47 26.82 4.47
C PHE A 327 30.46 27.05 2.97
N ILE A 328 29.37 27.61 2.46
CA ILE A 328 29.26 27.99 1.03
C ILE A 328 28.68 29.37 1.07
N ASP A 329 29.38 30.28 0.40
CA ASP A 329 28.94 31.70 0.42
C ASP A 329 28.69 32.25 1.84
N GLY A 330 29.55 31.88 2.78
CA GLY A 330 29.42 32.34 4.16
C GLY A 330 28.31 31.62 4.94
N LYS A 331 27.68 30.58 4.41
CA LYS A 331 26.55 29.97 5.14
C LYS A 331 26.91 28.52 5.53
N LYS A 332 26.59 28.11 6.77
CA LYS A 332 26.96 26.77 7.25
C LYS A 332 26.15 25.77 6.42
N THR A 333 26.81 24.83 5.74
CA THR A 333 26.04 23.89 4.89
C THR A 333 26.16 22.45 5.47
N GLU A 334 27.37 21.91 5.61
CA GLU A 334 27.46 20.61 6.33
C GLU A 334 26.90 20.84 7.77
N GLY A 335 26.12 19.87 8.36
CA GLY A 335 25.56 20.11 9.68
C GLY A 335 24.45 21.10 9.70
N SER A 336 23.70 21.27 8.57
CA SER A 336 22.65 22.20 8.56
C SER A 336 21.50 21.67 7.63
N TRP A 337 20.29 22.15 7.87
CA TRP A 337 19.17 22.03 6.86
C TRP A 337 19.58 22.58 5.48
N ARG A 338 20.54 23.51 5.45
CA ARG A 338 20.94 24.04 4.15
C ARG A 338 21.52 22.93 3.25
N ALA A 339 21.95 21.81 3.84
CA ALA A 339 22.48 20.74 2.97
C ALA A 339 21.41 19.82 2.34
N HIS A 340 20.15 20.06 2.64
CA HIS A 340 19.08 19.12 2.31
C HIS A 340 19.02 18.80 0.77
N GLN A 341 18.95 19.88 -0.03
CA GLN A 341 18.51 19.75 -1.45
C GLN A 341 19.78 19.77 -2.30
N VAL A 342 20.09 20.83 -3.06
CA VAL A 342 21.28 20.79 -3.92
C VAL A 342 22.19 21.95 -3.57
N PRO A 343 23.29 21.70 -2.86
CA PRO A 343 24.25 22.77 -2.65
C PRO A 343 24.84 23.30 -4.01
N LEU A 344 25.41 24.51 -3.98
CA LEU A 344 26.17 25.04 -5.15
C LEU A 344 25.25 25.14 -6.34
N ALA A 345 24.15 25.83 -6.13
CA ALA A 345 23.09 25.88 -7.16
C ALA A 345 23.69 26.52 -8.44
N SER A 346 24.75 27.33 -8.28
CA SER A 346 25.45 27.94 -9.46
C SER A 346 26.60 27.15 -10.05
N ALA A 347 26.70 25.83 -9.76
CA ALA A 347 27.93 25.07 -10.13
C ALA A 347 28.19 25.18 -11.67
N ARG A 348 27.12 25.27 -12.47
CA ARG A 348 27.36 25.44 -13.92
C ARG A 348 27.60 26.90 -14.33
N ASP A 349 27.04 27.82 -13.57
CA ASP A 349 27.02 29.25 -14.00
C ASP A 349 28.11 30.13 -13.47
N THR A 350 28.77 29.75 -12.36
CA THR A 350 29.80 30.67 -11.85
C THR A 350 31.07 29.87 -11.66
N GLU A 351 32.21 30.47 -11.96
CA GLU A 351 33.44 29.76 -11.68
C GLU A 351 33.60 29.50 -10.15
N GLU A 352 33.01 30.37 -9.32
CA GLU A 352 33.15 30.23 -7.86
C GLU A 352 32.45 28.93 -7.36
N HIS A 353 31.23 28.70 -7.80
CA HIS A 353 30.60 27.42 -7.40
C HIS A 353 31.26 26.23 -8.00
N PHE A 354 31.69 26.42 -9.25
CA PHE A 354 32.33 25.32 -9.96
C PHE A 354 33.60 24.84 -9.21
N GLU A 355 34.42 25.80 -8.75
CA GLU A 355 35.68 25.44 -8.09
C GLU A 355 35.38 24.74 -6.77
N VAL A 356 34.30 25.18 -6.12
CA VAL A 356 33.94 24.49 -4.85
C VAL A 356 33.50 23.02 -5.20
N LEU A 357 32.65 22.85 -6.21
CA LEU A 357 32.22 21.50 -6.64
C LEU A 357 33.46 20.65 -6.99
N LYS A 358 34.37 21.25 -7.75
CA LYS A 358 35.57 20.52 -8.14
C LYS A 358 36.41 20.00 -6.93
N GLY A 359 36.64 20.88 -5.96
CA GLY A 359 37.42 20.50 -4.78
C GLY A 359 36.65 19.45 -3.95
N TRP A 360 35.33 19.55 -3.89
CA TRP A 360 34.50 18.59 -3.16
C TRP A 360 34.61 17.23 -3.81
N MET A 361 34.32 17.12 -5.14
CA MET A 361 34.50 15.81 -5.80
C MET A 361 35.93 15.25 -5.62
N GLU A 362 36.94 16.14 -5.71
CA GLU A 362 38.32 15.65 -5.58
C GLU A 362 38.63 15.13 -4.14
N SER A 363 37.91 15.63 -3.12
CA SER A 363 38.25 15.32 -1.70
C SER A 363 38.06 13.81 -1.52
N TYR A 364 37.30 13.17 -2.39
CA TYR A 364 37.07 11.69 -2.19
C TYR A 364 38.19 10.84 -2.83
N LYS A 365 39.10 11.53 -3.54
CA LYS A 365 40.25 10.93 -4.24
C LYS A 365 39.84 9.79 -5.17
N PRO A 366 38.98 10.09 -6.15
CA PRO A 366 38.51 9.10 -7.11
C PRO A 366 39.64 8.39 -7.89
N GLU A 367 40.80 9.04 -8.04
CA GLU A 367 41.97 8.40 -8.66
C GLU A 367 42.40 7.15 -7.88
N GLU A 368 42.00 6.98 -6.62
CA GLU A 368 42.32 5.74 -5.92
C GLU A 368 41.19 4.75 -6.01
N LEU A 369 40.03 5.16 -6.51
CA LEU A 369 38.83 4.32 -6.43
C LEU A 369 38.46 3.65 -7.78
N PHE A 370 38.88 4.26 -8.86
CA PHE A 370 38.57 3.73 -10.21
C PHE A 370 39.84 3.44 -11.00
N ASN A 371 39.83 2.37 -11.79
CA ASN A 371 40.92 2.05 -12.70
C ASN A 371 40.91 3.06 -13.85
N ALA A 372 41.98 3.08 -14.62
CA ALA A 372 42.08 3.99 -15.76
C ALA A 372 40.91 3.73 -16.75
N ASP A 373 40.34 2.54 -16.81
CA ASP A 373 39.22 2.31 -17.75
C ASP A 373 37.88 2.74 -17.17
N GLY A 374 37.92 3.33 -15.95
CA GLY A 374 36.72 3.76 -15.26
C GLY A 374 35.97 2.71 -14.46
N SER A 375 36.42 1.46 -14.43
CA SER A 375 35.78 0.48 -13.56
C SER A 375 36.20 0.74 -12.08
N ILE A 376 35.24 0.45 -11.18
CA ILE A 376 35.54 0.53 -9.71
C ILE A 376 36.59 -0.53 -9.34
N LYS A 377 37.65 -0.11 -8.64
CA LYS A 377 38.73 -1.07 -8.30
C LYS A 377 38.26 -2.28 -7.47
N ASP A 378 38.89 -3.43 -7.67
CA ASP A 378 38.59 -4.63 -6.93
C ASP A 378 38.70 -4.39 -5.42
N ASP A 379 39.66 -3.55 -4.98
CA ASP A 379 39.79 -3.48 -3.53
C ASP A 379 38.70 -2.60 -2.88
N VAL A 380 37.87 -1.96 -3.70
CA VAL A 380 36.75 -1.22 -3.20
C VAL A 380 35.65 -2.21 -2.89
N THR A 381 35.54 -3.35 -3.59
CA THR A 381 34.40 -4.22 -3.36
C THR A 381 34.68 -5.63 -2.83
N ALA A 382 35.92 -5.92 -2.51
CA ALA A 382 36.25 -7.28 -2.02
C ALA A 382 35.49 -7.58 -0.73
N PHE A 383 35.15 -6.56 0.08
CA PHE A 383 34.39 -6.84 1.39
C PHE A 383 32.91 -7.12 1.16
N MET A 384 32.45 -6.85 -0.07
CA MET A 384 30.99 -6.83 -0.35
C MET A 384 30.36 -8.22 -0.34
N PRO A 385 29.07 -8.29 0.00
CA PRO A 385 28.44 -9.60 -0.21
C PRO A 385 28.32 -9.95 -1.69
N LYS A 386 28.04 -11.23 -1.95
CA LYS A 386 27.97 -11.74 -3.31
C LYS A 386 26.66 -12.49 -3.57
N GLY A 387 26.33 -12.68 -4.85
CA GLY A 387 25.14 -13.49 -5.13
C GLY A 387 23.84 -12.97 -4.55
N GLU A 388 22.95 -13.87 -4.08
CA GLU A 388 21.57 -13.43 -3.72
C GLU A 388 21.61 -12.71 -2.34
N LEU A 389 22.76 -12.71 -1.65
CA LEU A 389 22.87 -11.88 -0.39
C LEU A 389 23.07 -10.40 -0.73
N ARG A 390 23.38 -10.07 -1.99
CA ARG A 390 23.55 -8.62 -2.29
C ARG A 390 22.21 -7.93 -2.08
N ILE A 391 22.24 -6.67 -1.61
CA ILE A 391 21.07 -5.89 -1.34
C ILE A 391 20.23 -5.85 -2.63
N GLY A 392 20.94 -5.65 -3.74
CA GLY A 392 20.20 -5.41 -5.03
C GLY A 392 19.62 -6.74 -5.51
N ALA A 393 20.17 -7.89 -5.05
CA ALA A 393 19.80 -9.20 -5.60
C ALA A 393 18.89 -10.00 -4.74
N ASN A 394 18.76 -9.65 -3.46
CA ASN A 394 17.99 -10.50 -2.57
C ASN A 394 16.55 -10.61 -3.08
N PRO A 395 16.00 -11.82 -3.12
CA PRO A 395 14.64 -11.97 -3.71
C PRO A 395 13.54 -11.43 -2.78
N ASN A 396 13.79 -11.23 -1.48
CA ASN A 396 12.84 -10.49 -0.73
C ASN A 396 12.66 -9.05 -1.22
N ALA A 397 13.61 -8.47 -1.94
CA ALA A 397 13.42 -7.11 -2.42
C ALA A 397 12.79 -7.18 -3.83
N ASN A 398 12.38 -8.39 -4.26
CA ASN A 398 11.69 -8.53 -5.56
C ASN A 398 10.82 -9.76 -5.34
N GLY A 399 9.85 -9.62 -4.44
CA GLY A 399 9.16 -10.74 -3.82
C GLY A 399 8.36 -11.58 -4.84
N GLY A 400 8.04 -11.01 -6.00
CA GLY A 400 7.30 -11.84 -7.01
C GLY A 400 8.21 -13.04 -7.47
N VAL A 401 9.53 -12.96 -7.31
CA VAL A 401 10.42 -14.10 -7.56
C VAL A 401 10.22 -15.24 -6.57
N ILE A 402 9.85 -14.91 -5.35
CA ILE A 402 9.58 -15.92 -4.30
C ILE A 402 8.09 -16.34 -4.30
N ARG A 403 7.19 -15.43 -4.67
CA ARG A 403 5.74 -15.72 -4.54
C ARG A 403 5.29 -17.02 -5.22
N GLU A 404 4.45 -17.83 -4.59
CA GLU A 404 3.78 -18.96 -5.23
C GLU A 404 2.29 -18.66 -5.19
N ASP A 405 1.51 -19.22 -6.13
CA ASP A 405 0.06 -19.10 -6.06
C ASP A 405 -0.45 -19.70 -4.75
N LEU A 406 -1.53 -19.14 -4.19
CA LEU A 406 -2.13 -19.75 -3.04
C LEU A 406 -2.72 -21.12 -3.40
N LYS A 407 -2.69 -22.05 -2.47
CA LYS A 407 -3.52 -23.28 -2.57
C LYS A 407 -4.90 -22.92 -2.08
N LEU A 408 -5.82 -22.67 -3.03
CA LEU A 408 -7.13 -22.16 -2.72
C LEU A 408 -8.12 -23.35 -2.53
N PRO A 409 -8.92 -23.33 -1.45
CA PRO A 409 -10.00 -24.31 -1.40
C PRO A 409 -11.03 -24.09 -2.54
N GLU A 410 -11.74 -25.15 -2.89
CA GLU A 410 -12.83 -25.05 -3.88
C GLU A 410 -13.91 -24.09 -3.41
N LEU A 411 -14.30 -23.17 -4.25
CA LEU A 411 -15.29 -22.20 -3.87
C LEU A 411 -16.69 -22.74 -3.55
N ASP A 412 -17.08 -23.86 -4.18
CA ASP A 412 -18.50 -24.25 -4.16
C ASP A 412 -18.95 -24.62 -2.80
N GLN A 413 -18.03 -25.11 -1.95
CA GLN A 413 -18.46 -25.47 -0.60
C GLN A 413 -18.98 -24.26 0.22
N TYR A 414 -18.68 -23.02 -0.19
CA TYR A 414 -19.11 -21.83 0.60
C TYR A 414 -20.42 -21.23 0.12
N GLU A 415 -20.91 -21.77 -1.00
CA GLU A 415 -22.02 -21.12 -1.70
C GLU A 415 -23.23 -20.98 -0.78
N VAL A 416 -23.96 -19.86 -0.86
CA VAL A 416 -25.28 -19.72 -0.18
C VAL A 416 -26.28 -20.38 -1.15
N THR A 417 -26.70 -21.60 -0.76
CA THR A 417 -27.50 -22.44 -1.69
C THR A 417 -28.97 -22.11 -1.58
N GLY A 418 -29.29 -21.23 -0.63
CA GLY A 418 -30.67 -20.74 -0.44
C GLY A 418 -31.28 -20.17 -1.73
N VAL A 419 -30.47 -19.51 -2.54
CA VAL A 419 -30.98 -18.96 -3.77
C VAL A 419 -31.46 -20.05 -4.73
N LYS A 420 -30.67 -21.10 -4.86
CA LYS A 420 -31.01 -22.25 -5.72
C LYS A 420 -32.16 -23.03 -5.10
N GLU A 421 -32.19 -23.17 -3.80
CA GLU A 421 -33.22 -24.01 -3.16
C GLU A 421 -34.58 -23.29 -3.05
N TYR A 422 -34.56 -21.97 -2.77
CA TYR A 422 -35.76 -21.23 -2.38
C TYR A 422 -36.09 -20.05 -3.28
N GLY A 423 -35.11 -19.49 -3.97
CA GLY A 423 -35.39 -18.41 -4.96
C GLY A 423 -34.47 -17.19 -4.77
N HIS A 424 -34.36 -16.37 -5.82
CA HIS A 424 -33.63 -15.09 -5.76
C HIS A 424 -34.18 -14.15 -4.68
N GLY A 425 -33.32 -13.64 -3.78
CA GLY A 425 -33.82 -12.76 -2.72
C GLY A 425 -33.98 -13.42 -1.38
N TRP A 426 -33.62 -14.70 -1.30
CA TRP A 426 -33.73 -15.44 -0.10
C TRP A 426 -32.80 -14.96 1.09
N GLY A 427 -33.35 -15.12 2.30
CA GLY A 427 -32.66 -15.25 3.57
C GLY A 427 -32.06 -13.95 4.13
N GLN A 428 -31.26 -14.10 5.19
CA GLN A 428 -30.78 -12.96 5.95
C GLN A 428 -29.27 -13.08 6.20
N VAL A 429 -28.51 -13.47 5.19
CA VAL A 429 -27.10 -13.87 5.35
C VAL A 429 -26.28 -12.59 5.60
N GLU A 430 -25.30 -12.69 6.52
CA GLU A 430 -24.31 -11.57 6.60
C GLU A 430 -23.18 -11.93 5.66
N ALA A 431 -23.09 -11.25 4.51
CA ALA A 431 -22.24 -11.64 3.37
C ALA A 431 -20.75 -11.97 3.69
N PRO A 432 -20.07 -11.07 4.46
CA PRO A 432 -18.67 -11.41 4.78
C PRO A 432 -18.43 -12.71 5.55
N ARG A 433 -19.44 -13.27 6.25
CA ARG A 433 -19.24 -14.55 6.88
C ARG A 433 -18.77 -15.63 5.90
N ALA A 434 -19.20 -15.55 4.64
CA ALA A 434 -18.77 -16.54 3.65
C ALA A 434 -17.32 -16.28 3.31
N LEU A 435 -16.91 -15.01 3.23
CA LEU A 435 -15.56 -14.76 2.91
C LEU A 435 -14.70 -15.19 4.15
N GLY A 436 -15.22 -15.00 5.37
CA GLY A 436 -14.47 -15.45 6.53
C GLY A 436 -14.17 -16.94 6.50
N ALA A 437 -15.15 -17.74 6.05
CA ALA A 437 -14.98 -19.23 6.03
C ALA A 437 -13.98 -19.55 4.95
N TYR A 438 -14.07 -18.88 3.81
CA TYR A 438 -13.13 -19.05 2.71
C TYR A 438 -11.66 -18.68 3.17
N CYS A 439 -11.54 -17.53 3.86
CA CYS A 439 -10.24 -17.10 4.40
C CYS A 439 -9.70 -18.10 5.44
N ARG A 440 -10.57 -18.65 6.26
CA ARG A 440 -10.17 -19.62 7.27
C ARG A 440 -9.42 -20.79 6.59
N ASP A 441 -10.04 -21.30 5.51
CA ASP A 441 -9.47 -22.43 4.85
C ASP A 441 -8.32 -22.08 3.96
N ILE A 442 -8.20 -20.82 3.52
CA ILE A 442 -7.02 -20.42 2.82
C ILE A 442 -5.84 -20.44 3.84
N ILE A 443 -6.09 -19.96 5.05
CA ILE A 443 -4.99 -19.94 6.01
C ILE A 443 -4.60 -21.41 6.31
N LYS A 444 -5.61 -22.25 6.49
CA LYS A 444 -5.30 -23.66 6.77
C LYS A 444 -4.40 -24.27 5.70
N ASN A 445 -4.66 -23.99 4.42
CA ASN A 445 -3.90 -24.53 3.32
C ASN A 445 -2.59 -23.78 3.08
N ASN A 446 -2.47 -22.53 3.60
CA ASN A 446 -1.29 -21.70 3.34
C ASN A 446 -0.84 -21.09 4.68
N PRO A 447 -0.41 -21.93 5.63
CA PRO A 447 -0.46 -21.51 7.03
C PRO A 447 0.58 -20.49 7.45
N ASP A 448 1.55 -20.18 6.61
CA ASP A 448 2.53 -19.13 7.02
C ASP A 448 2.71 -18.07 5.92
N SER A 449 1.82 -18.03 4.91
CA SER A 449 2.04 -17.08 3.84
C SER A 449 0.75 -16.28 3.49
N PHE A 450 -0.33 -16.40 4.28
CA PHE A 450 -1.56 -15.57 4.04
C PHE A 450 -1.96 -14.92 5.40
N ARG A 451 -1.94 -13.60 5.52
CA ARG A 451 -2.30 -12.98 6.76
C ARG A 451 -3.52 -12.10 6.61
N ILE A 452 -4.24 -11.95 7.72
CA ILE A 452 -5.38 -10.99 7.81
C ILE A 452 -4.99 -9.82 8.73
N PHE A 453 -5.17 -8.59 8.25
CA PHE A 453 -4.95 -7.42 9.11
C PHE A 453 -6.27 -6.75 9.34
N GLY A 454 -6.45 -6.13 10.50
CA GLY A 454 -7.63 -5.33 10.70
C GLY A 454 -7.38 -4.31 11.83
N PRO A 455 -8.00 -3.13 11.71
CA PRO A 455 -7.83 -2.10 12.73
C PRO A 455 -8.84 -2.29 13.85
N ASP A 456 -8.71 -3.44 14.55
CA ASP A 456 -9.58 -3.80 15.64
C ASP A 456 -11.00 -4.09 15.09
N GLU A 457 -11.09 -4.58 13.85
CA GLU A 457 -12.45 -4.69 13.21
C GLU A 457 -12.64 -6.04 12.55
N THR A 458 -11.66 -6.91 12.71
CA THR A 458 -11.80 -8.21 12.05
C THR A 458 -13.13 -8.92 12.45
N ALA A 459 -13.41 -9.04 13.77
CA ALA A 459 -14.67 -9.66 14.18
C ALA A 459 -15.90 -8.79 13.75
N SER A 460 -15.74 -7.47 13.83
CA SER A 460 -16.87 -6.54 13.60
C SER A 460 -17.27 -6.70 12.12
N ASN A 461 -16.28 -6.87 11.27
CA ASN A 461 -16.56 -7.04 9.83
C ASN A 461 -16.84 -8.50 9.45
N ARG A 462 -17.00 -9.36 10.45
CA ARG A 462 -17.52 -10.76 10.28
C ARG A 462 -16.48 -11.70 9.62
N LEU A 463 -15.18 -11.48 9.85
CA LEU A 463 -14.17 -12.39 9.28
C LEU A 463 -13.58 -13.35 10.36
N ASN A 464 -14.22 -13.40 11.51
CA ASN A 464 -13.71 -14.12 12.65
C ASN A 464 -13.87 -15.63 12.55
N ALA A 465 -14.47 -16.17 11.43
CA ALA A 465 -14.34 -17.67 11.28
C ALA A 465 -12.84 -18.09 11.15
N THR A 466 -11.96 -17.15 10.79
CA THR A 466 -10.54 -17.43 10.69
C THR A 466 -9.95 -17.84 12.04
N TYR A 467 -10.56 -17.43 13.12
CA TYR A 467 -10.01 -17.72 14.46
C TYR A 467 -10.17 -19.23 14.78
N GLU A 468 -10.97 -19.93 13.99
CA GLU A 468 -11.09 -21.41 14.16
C GLU A 468 -9.78 -22.13 13.81
N VAL A 469 -8.90 -21.51 12.99
CA VAL A 469 -7.65 -22.17 12.66
C VAL A 469 -6.41 -21.38 13.07
N THR A 470 -6.56 -20.15 13.52
CA THR A 470 -5.34 -19.39 13.93
C THR A 470 -5.75 -18.37 15.02
N ASP A 471 -4.80 -17.61 15.53
CA ASP A 471 -5.10 -16.60 16.52
C ASP A 471 -4.67 -15.23 16.02
N LYS A 472 -5.15 -14.19 16.69
CA LYS A 472 -4.57 -12.86 16.54
C LYS A 472 -3.24 -12.91 17.28
N GLN A 473 -2.20 -12.47 16.59
CA GLN A 473 -0.85 -12.47 17.12
C GLN A 473 -0.64 -11.26 17.99
N TRP A 474 -0.26 -11.47 19.27
CA TRP A 474 -0.11 -10.37 20.21
C TRP A 474 1.10 -10.71 21.09
N ASP A 475 2.13 -9.87 21.03
CA ASP A 475 3.35 -10.18 21.75
C ASP A 475 3.54 -9.09 22.78
N ASN A 476 2.59 -9.04 23.69
CA ASN A 476 2.55 -8.01 24.68
C ASN A 476 1.88 -8.67 25.86
N GLY A 477 1.52 -7.96 26.89
CA GLY A 477 1.04 -8.71 28.09
C GLY A 477 -0.27 -9.49 27.89
N TYR A 478 -0.39 -10.64 28.55
CA TYR A 478 -1.64 -11.39 28.77
C TYR A 478 -2.11 -11.25 30.25
N LEU A 479 -3.42 -11.37 30.49
CA LEU A 479 -3.99 -11.23 31.83
C LEU A 479 -4.77 -12.45 32.26
N SER A 480 -5.65 -12.95 31.40
CA SER A 480 -6.64 -13.92 31.87
C SER A 480 -7.38 -14.47 30.70
N GLY A 481 -7.68 -15.76 30.75
CA GLY A 481 -8.58 -16.35 29.67
C GLY A 481 -10.00 -15.82 29.71
N LEU A 482 -10.39 -15.08 30.78
CA LEU A 482 -11.69 -14.43 30.86
C LEU A 482 -11.76 -13.25 29.86
N VAL A 483 -10.60 -12.74 29.42
CA VAL A 483 -10.53 -11.66 28.43
C VAL A 483 -9.71 -11.92 27.19
N ASP A 484 -8.69 -12.77 27.26
CA ASP A 484 -7.77 -13.01 26.16
C ASP A 484 -8.42 -14.20 25.45
N GLU A 485 -8.92 -14.05 24.23
CA GLU A 485 -9.53 -15.21 23.57
C GLU A 485 -9.04 -15.09 22.13
N HIS A 486 -8.81 -16.22 21.46
CA HIS A 486 -8.32 -16.21 20.09
C HIS A 486 -7.11 -15.34 19.87
N MET A 487 -6.22 -15.37 20.82
CA MET A 487 -5.05 -14.44 20.82
C MET A 487 -3.84 -15.23 21.39
N ALA A 488 -2.69 -15.14 20.73
CA ALA A 488 -1.50 -15.93 21.10
C ALA A 488 -0.27 -15.19 20.63
N VAL A 489 0.90 -15.61 21.09
CA VAL A 489 2.13 -14.88 20.67
C VAL A 489 2.50 -15.18 19.24
N THR A 490 1.88 -16.22 18.60
CA THR A 490 2.09 -16.35 17.20
C THR A 490 0.69 -16.58 16.56
N GLY A 491 0.50 -16.18 15.31
CA GLY A 491 -0.82 -16.39 14.64
C GLY A 491 -0.80 -15.59 13.37
N GLN A 492 -1.82 -15.82 12.53
CA GLN A 492 -1.80 -15.21 11.23
C GLN A 492 -2.78 -14.03 11.08
N VAL A 493 -3.42 -13.55 12.17
CA VAL A 493 -4.23 -12.32 12.07
C VAL A 493 -3.40 -11.32 12.89
N THR A 494 -3.35 -10.06 12.45
CA THR A 494 -2.72 -8.99 13.22
C THR A 494 -3.72 -7.83 13.31
N GLU A 495 -4.00 -7.33 14.53
CA GLU A 495 -4.87 -6.13 14.63
C GLU A 495 -4.12 -5.05 15.42
N GLN A 496 -4.24 -3.82 14.96
CA GLN A 496 -3.81 -2.64 15.76
C GLN A 496 -4.76 -1.54 15.31
N LEU A 497 -5.17 -0.64 16.24
CA LEU A 497 -6.10 0.45 15.83
C LEU A 497 -5.31 1.48 15.10
N SER A 498 -4.96 1.16 13.85
CA SER A 498 -4.27 2.10 12.94
C SER A 498 -4.40 1.58 11.48
N GLU A 499 -5.14 2.29 10.64
CA GLU A 499 -5.20 1.88 9.25
C GLU A 499 -3.84 1.99 8.59
N HIS A 500 -3.00 2.99 8.99
CA HIS A 500 -1.65 3.08 8.44
C HIS A 500 -0.82 1.81 8.69
N GLN A 501 -0.95 1.23 9.94
CA GLN A 501 -0.24 -0.01 10.24
C GLN A 501 -0.76 -1.12 9.38
N CYS A 502 -2.08 -1.27 9.34
CA CYS A 502 -2.63 -2.47 8.65
C CYS A 502 -2.24 -2.41 7.17
N GLU A 503 -2.46 -1.26 6.54
CA GLU A 503 -2.08 -1.12 5.13
C GLU A 503 -0.57 -1.28 4.90
N GLY A 504 0.28 -0.68 5.74
CA GLY A 504 1.73 -0.80 5.47
C GLY A 504 2.23 -2.22 5.71
N PHE A 505 1.82 -2.89 6.81
CA PHE A 505 2.27 -4.26 7.09
C PHE A 505 1.87 -5.13 5.87
N LEU A 506 0.63 -4.94 5.45
CA LEU A 506 0.16 -5.80 4.31
C LEU A 506 0.95 -5.49 3.06
N GLU A 507 1.15 -4.22 2.69
CA GLU A 507 1.85 -3.97 1.48
C GLU A 507 3.22 -4.65 1.48
N ALA A 508 4.04 -4.51 2.56
CA ALA A 508 5.30 -5.20 2.58
C ALA A 508 5.23 -6.72 2.59
N TYR A 509 4.23 -7.30 3.25
CA TYR A 509 3.99 -8.73 3.25
C TYR A 509 3.83 -9.19 1.75
N LEU A 510 3.11 -8.37 0.97
CA LEU A 510 2.96 -8.64 -0.48
C LEU A 510 4.22 -8.38 -1.26
N LEU A 511 4.92 -7.28 -0.96
CA LEU A 511 6.10 -6.98 -1.71
C LEU A 511 7.21 -8.03 -1.50
N THR A 512 7.17 -8.76 -0.38
CA THR A 512 8.17 -9.82 -0.15
C THR A 512 7.60 -11.18 -0.52
N GLY A 513 6.51 -11.18 -1.29
CA GLY A 513 6.08 -12.43 -1.90
C GLY A 513 4.99 -13.21 -1.27
N ARG A 514 4.25 -12.65 -0.33
CA ARG A 514 3.21 -13.39 0.32
C ARG A 514 1.82 -12.86 -0.08
N HIS A 515 0.81 -13.07 0.76
CA HIS A 515 -0.60 -12.83 0.37
C HIS A 515 -1.36 -12.40 1.56
N GLY A 516 -2.52 -11.78 1.33
CA GLY A 516 -3.39 -11.49 2.47
C GLY A 516 -4.58 -10.63 2.11
N ILE A 517 -5.25 -10.17 3.15
CA ILE A 517 -6.42 -9.30 2.99
C ILE A 517 -6.52 -8.51 4.29
N TRP A 518 -7.07 -7.30 4.20
CA TRP A 518 -7.46 -6.55 5.43
C TRP A 518 -8.86 -5.98 5.21
N SER A 519 -9.48 -5.55 6.30
CA SER A 519 -10.87 -5.07 6.23
C SER A 519 -10.89 -3.78 6.97
N SER A 520 -11.76 -2.88 6.50
CA SER A 520 -11.99 -1.61 7.19
C SER A 520 -13.42 -1.15 7.06
N TYR A 521 -13.94 -0.52 8.11
CA TYR A 521 -15.15 0.30 7.97
C TYR A 521 -14.87 1.31 6.86
N GLU A 522 -15.91 1.52 6.03
CA GLU A 522 -15.69 2.14 4.75
C GLU A 522 -15.18 3.58 4.87
N SER A 523 -15.74 4.35 5.81
CA SER A 523 -15.39 5.79 5.81
C SER A 523 -13.95 5.98 6.28
N PHE A 524 -13.48 5.05 7.14
CA PHE A 524 -12.08 5.06 7.64
C PHE A 524 -11.04 4.59 6.64
N VAL A 525 -11.50 4.06 5.46
CA VAL A 525 -10.55 3.79 4.47
C VAL A 525 -9.83 5.06 4.08
N HIS A 526 -10.48 6.20 4.17
CA HIS A 526 -9.84 7.40 3.74
C HIS A 526 -8.60 7.79 4.57
N VAL A 527 -8.50 7.22 5.76
CA VAL A 527 -7.24 7.50 6.53
C VAL A 527 -6.02 7.14 5.72
N ILE A 528 -6.12 6.08 4.89
CA ILE A 528 -4.98 5.64 4.09
C ILE A 528 -5.11 5.86 2.58
N ASP A 529 -5.99 6.77 2.18
CA ASP A 529 -6.00 7.20 0.79
C ASP A 529 -4.62 7.41 0.22
N SER A 530 -3.71 8.12 0.93
CA SER A 530 -2.44 8.41 0.33
C SER A 530 -1.53 7.20 0.25
N MET A 531 -1.76 6.17 1.13
CA MET A 531 -0.93 4.98 1.01
C MET A 531 -1.44 4.17 -0.21
N LEU A 532 -2.75 4.18 -0.45
CA LEU A 532 -3.27 3.50 -1.66
C LEU A 532 -2.68 4.20 -2.88
N ASN A 533 -2.56 5.54 -2.85
CA ASN A 533 -2.01 6.25 -3.96
C ASN A 533 -0.55 5.82 -4.20
N GLN A 534 0.24 5.75 -3.12
CA GLN A 534 1.67 5.35 -3.31
C GLN A 534 1.78 3.92 -3.84
N HIS A 535 1.01 3.00 -3.30
CA HIS A 535 1.12 1.66 -3.81
C HIS A 535 0.61 1.62 -5.29
N ALA A 536 -0.40 2.43 -5.62
CA ALA A 536 -0.88 2.43 -7.02
C ALA A 536 0.24 3.00 -7.88
N LYS A 537 0.92 4.08 -7.46
CA LYS A 537 2.04 4.56 -8.21
C LYS A 537 3.15 3.50 -8.42
N TRP A 538 3.46 2.72 -7.37
CA TRP A 538 4.50 1.70 -7.43
C TRP A 538 4.06 0.69 -8.54
N LEU A 539 2.80 0.28 -8.49
CA LEU A 539 2.30 -0.71 -9.43
C LEU A 539 2.30 -0.15 -10.85
N GLU A 540 1.88 1.11 -10.99
CA GLU A 540 1.88 1.70 -12.36
C GLU A 540 3.25 1.69 -13.00
N ALA A 541 4.27 2.21 -12.28
CA ALA A 541 5.60 2.18 -12.83
C ALA A 541 6.04 0.76 -13.17
N THR A 542 5.72 -0.18 -12.29
CA THR A 542 6.20 -1.55 -12.42
C THR A 542 5.58 -2.24 -13.67
N VAL A 543 4.26 -2.18 -13.78
CA VAL A 543 3.60 -2.86 -14.96
C VAL A 543 3.99 -2.18 -16.26
N ARG A 544 4.29 -0.89 -16.23
CA ARG A 544 4.71 -0.21 -17.46
C ARG A 544 6.11 -0.54 -17.90
N GLU A 545 7.12 -0.50 -17.01
CA GLU A 545 8.46 -0.54 -17.57
C GLU A 545 9.52 -1.19 -16.65
N ILE A 546 9.10 -2.03 -15.74
CA ILE A 546 10.11 -2.72 -14.91
C ILE A 546 9.86 -4.23 -14.96
N PRO A 547 10.16 -4.84 -16.12
CA PRO A 547 9.66 -6.24 -16.26
C PRO A 547 10.50 -7.22 -15.39
N TRP A 548 11.71 -6.84 -14.98
CA TRP A 548 12.44 -7.72 -14.01
C TRP A 548 11.82 -7.80 -12.62
N ARG A 549 10.95 -6.84 -12.30
CA ARG A 549 10.34 -6.83 -10.96
C ARG A 549 9.11 -7.65 -11.11
N LYS A 550 9.11 -8.90 -10.64
CA LYS A 550 8.04 -9.83 -11.01
C LYS A 550 6.73 -9.50 -10.28
N PRO A 551 5.58 -10.03 -10.82
CA PRO A 551 4.31 -9.69 -10.19
C PRO A 551 4.19 -10.10 -8.71
N ILE A 552 3.64 -9.22 -7.89
CA ILE A 552 3.31 -9.55 -6.53
C ILE A 552 1.84 -9.76 -6.37
N SER A 553 1.45 -10.36 -5.24
CA SER A 553 0.04 -10.50 -4.89
C SER A 553 -0.62 -9.10 -4.67
N SER A 554 -1.94 -9.08 -4.88
CA SER A 554 -2.69 -7.83 -4.89
C SER A 554 -2.94 -7.43 -3.42
N VAL A 555 -3.07 -6.10 -3.21
CA VAL A 555 -3.76 -5.58 -1.97
C VAL A 555 -5.27 -5.85 -2.11
N ASN A 556 -5.81 -6.67 -1.22
CA ASN A 556 -7.23 -6.95 -1.14
C ASN A 556 -7.83 -6.32 0.10
N LEU A 557 -8.79 -5.41 -0.12
CA LEU A 557 -9.36 -4.66 1.02
C LEU A 557 -10.84 -4.83 1.00
N LEU A 558 -11.35 -5.48 2.05
CA LEU A 558 -12.76 -5.61 2.29
C LEU A 558 -13.25 -4.27 2.88
N VAL A 559 -14.05 -3.58 2.10
CA VAL A 559 -14.62 -2.28 2.49
C VAL A 559 -16.03 -2.57 2.97
N SER A 560 -16.25 -2.57 4.29
CA SER A 560 -17.56 -2.96 4.82
C SER A 560 -18.07 -1.98 5.89
N SER A 561 -19.04 -2.40 6.72
CA SER A 561 -19.76 -1.47 7.62
C SER A 561 -19.98 -0.11 6.94
N HIS A 562 -20.76 -0.10 5.81
CA HIS A 562 -20.73 1.00 4.91
C HIS A 562 -21.78 2.09 5.21
N VAL A 563 -21.78 3.11 4.37
CA VAL A 563 -22.60 4.33 4.48
C VAL A 563 -24.06 4.04 4.84
N TRP A 564 -24.64 2.96 4.32
CA TRP A 564 -26.11 2.77 4.50
C TRP A 564 -26.48 2.16 5.82
N ARG A 565 -25.51 1.58 6.53
CA ARG A 565 -25.85 0.82 7.71
C ARG A 565 -24.80 1.07 8.86
N GLN A 566 -24.83 2.25 9.41
CA GLN A 566 -23.87 2.58 10.47
C GLN A 566 -24.69 2.70 11.73
N ASP A 567 -25.18 1.53 12.17
CA ASP A 567 -26.16 1.47 13.27
C ASP A 567 -25.76 2.18 14.59
N HIS A 568 -24.53 1.96 15.06
CA HIS A 568 -24.08 2.58 16.34
C HIS A 568 -23.43 3.90 16.13
N ASN A 569 -23.16 4.23 14.88
CA ASN A 569 -22.41 5.41 14.56
C ASN A 569 -23.36 6.42 13.90
N GLY A 570 -22.93 7.12 12.89
CA GLY A 570 -23.73 8.30 12.51
C GLY A 570 -23.19 9.00 11.27
N PHE A 571 -23.62 10.25 11.12
CA PHE A 571 -23.40 11.06 9.92
C PHE A 571 -21.93 11.20 9.57
N SER A 572 -21.14 11.48 10.63
CA SER A 572 -19.71 11.63 10.63
C SER A 572 -19.00 10.39 10.06
N HIS A 573 -19.64 9.22 10.08
CA HIS A 573 -19.00 7.99 9.70
C HIS A 573 -19.54 7.51 8.28
N GLN A 574 -20.05 8.44 7.47
CA GLN A 574 -20.76 8.04 6.21
C GLN A 574 -19.97 8.66 5.11
N ASP A 575 -19.11 7.86 4.44
CA ASP A 575 -18.33 8.38 3.39
C ASP A 575 -17.78 7.22 2.58
N PRO A 576 -18.49 6.84 1.49
CA PRO A 576 -18.05 5.75 0.57
C PRO A 576 -17.07 6.21 -0.53
N GLY A 577 -16.54 7.43 -0.36
CA GLY A 577 -15.71 8.09 -1.31
C GLY A 577 -14.33 7.58 -1.72
N VAL A 578 -13.88 6.48 -1.15
CA VAL A 578 -12.64 5.93 -1.62
C VAL A 578 -12.88 5.52 -3.14
N THR A 579 -14.14 5.14 -3.51
CA THR A 579 -14.43 4.95 -4.97
C THR A 579 -13.80 6.02 -5.80
N SER A 580 -13.99 7.28 -5.42
CA SER A 580 -13.58 8.37 -6.25
C SER A 580 -12.11 8.47 -6.35
N LEU A 581 -11.43 8.22 -5.21
CA LEU A 581 -9.98 8.21 -5.26
C LEU A 581 -9.43 7.10 -6.16
N LEU A 582 -10.02 5.92 -6.06
CA LEU A 582 -9.48 4.79 -6.84
C LEU A 582 -9.66 5.05 -8.36
N ILE A 583 -10.73 5.78 -8.68
CA ILE A 583 -11.00 6.19 -10.12
C ILE A 583 -9.86 7.02 -10.66
N ASN A 584 -9.04 7.65 -9.79
CA ASN A 584 -7.91 8.44 -10.29
C ASN A 584 -6.61 7.59 -10.55
N LYS A 585 -6.76 6.27 -10.54
CA LYS A 585 -5.61 5.38 -10.83
C LYS A 585 -6.09 4.31 -11.84
N THR A 586 -6.79 4.76 -12.90
CA THR A 586 -7.39 3.79 -13.82
C THR A 586 -6.95 4.13 -15.28
N PHE A 587 -5.70 4.48 -15.47
CA PHE A 587 -5.22 5.00 -16.74
C PHE A 587 -4.34 4.03 -17.55
N ASN A 588 -4.15 4.41 -18.83
CA ASN A 588 -3.11 3.81 -19.66
C ASN A 588 -3.26 2.33 -19.86
N ASN A 589 -4.43 1.77 -19.60
CA ASN A 589 -4.65 0.33 -19.59
C ASN A 589 -3.61 -0.41 -18.70
N ASP A 590 -3.24 0.25 -17.60
CA ASP A 590 -2.35 -0.40 -16.59
C ASP A 590 -3.07 -1.50 -15.94
N HIS A 591 -4.38 -1.36 -15.75
CA HIS A 591 -5.20 -2.28 -15.02
C HIS A 591 -4.61 -2.65 -13.65
N VAL A 592 -4.29 -1.63 -12.86
CA VAL A 592 -3.75 -1.89 -11.49
C VAL A 592 -4.81 -1.69 -10.39
N THR A 593 -6.03 -1.25 -10.75
CA THR A 593 -7.04 -0.87 -9.76
C THR A 593 -8.37 -1.45 -10.08
N ASN A 594 -8.97 -2.20 -9.15
CA ASN A 594 -10.33 -2.64 -9.27
C ASN A 594 -11.25 -2.17 -8.18
N ILE A 595 -12.50 -1.80 -8.60
CA ILE A 595 -13.55 -1.46 -7.65
C ILE A 595 -14.69 -2.48 -7.80
N TYR A 596 -14.89 -3.38 -6.86
CA TYR A 596 -15.98 -4.33 -6.97
C TYR A 596 -17.12 -4.16 -5.97
N PHE A 597 -18.36 -4.26 -6.44
CA PHE A 597 -19.50 -4.25 -5.54
C PHE A 597 -20.06 -5.61 -5.34
N ALA A 598 -19.87 -6.18 -4.16
CA ALA A 598 -20.40 -7.48 -3.88
C ALA A 598 -21.89 -7.45 -3.61
N THR A 599 -22.64 -7.91 -4.60
CA THR A 599 -24.08 -7.81 -4.48
C THR A 599 -24.66 -8.64 -3.35
N ASP A 600 -24.00 -9.75 -3.03
CA ASP A 600 -24.38 -10.67 -1.95
C ASP A 600 -23.18 -11.57 -1.73
N ALA A 601 -23.31 -12.51 -0.82
CA ALA A 601 -22.25 -13.41 -0.46
C ALA A 601 -21.72 -14.26 -1.64
N ASN A 602 -22.60 -14.69 -2.57
CA ASN A 602 -22.10 -15.56 -3.64
C ASN A 602 -21.27 -14.69 -4.60
N MET A 603 -21.72 -13.47 -4.85
CA MET A 603 -20.92 -12.56 -5.61
C MET A 603 -19.57 -12.25 -4.87
N LEU A 604 -19.69 -12.05 -3.56
CA LEU A 604 -18.43 -11.74 -2.73
C LEU A 604 -17.42 -12.91 -2.88
N LEU A 605 -17.91 -14.18 -2.81
CA LEU A 605 -17.06 -15.34 -3.07
C LEU A 605 -16.38 -15.30 -4.41
N ALA A 606 -17.13 -14.98 -5.44
CA ALA A 606 -16.59 -15.04 -6.77
C ALA A 606 -15.56 -13.85 -7.00
N ILE A 607 -15.85 -12.70 -6.41
CA ILE A 607 -14.94 -11.54 -6.53
C ILE A 607 -13.59 -11.95 -5.72
N SER A 608 -13.77 -12.59 -4.58
CA SER A 608 -12.63 -12.82 -3.66
C SER A 608 -11.67 -13.81 -4.28
N GLU A 609 -12.24 -14.83 -4.94
CA GLU A 609 -11.40 -15.83 -5.62
C GLU A 609 -10.65 -15.14 -6.68
N LYS A 610 -11.28 -14.24 -7.45
CA LYS A 610 -10.57 -13.60 -8.48
C LYS A 610 -9.43 -12.69 -7.92
N CYS A 611 -9.79 -11.97 -6.86
CA CYS A 611 -8.80 -11.07 -6.20
C CYS A 611 -7.63 -11.92 -5.68
N PHE A 612 -7.91 -13.02 -5.01
CA PHE A 612 -6.82 -13.82 -4.42
C PHE A 612 -5.91 -14.44 -5.51
N LYS A 613 -6.44 -14.73 -6.71
CA LYS A 613 -5.62 -15.11 -7.88
C LYS A 613 -4.85 -13.97 -8.55
N SER A 614 -5.32 -12.75 -8.41
CA SER A 614 -4.81 -11.66 -9.21
C SER A 614 -3.47 -11.19 -8.67
N THR A 615 -2.72 -10.49 -9.50
CA THR A 615 -1.43 -9.95 -9.04
C THR A 615 -1.35 -8.55 -9.49
N ASN A 616 -0.46 -7.78 -8.85
CA ASN A 616 -0.17 -6.41 -9.25
C ASN A 616 -1.40 -5.48 -9.30
N LYS A 617 -2.31 -5.67 -8.38
CA LYS A 617 -3.50 -4.84 -8.27
C LYS A 617 -3.72 -4.28 -6.87
N ILE A 618 -4.53 -3.22 -6.77
CA ILE A 618 -5.29 -2.95 -5.59
C ILE A 618 -6.76 -3.26 -5.92
N ASN A 619 -7.37 -4.19 -5.13
CA ASN A 619 -8.76 -4.65 -5.24
C ASN A 619 -9.55 -4.08 -4.05
N ALA A 620 -10.47 -3.16 -4.31
CA ALA A 620 -11.36 -2.68 -3.26
C ALA A 620 -12.64 -3.46 -3.40
N ILE A 621 -12.94 -4.25 -2.39
CA ILE A 621 -14.09 -5.19 -2.39
C ILE A 621 -15.18 -4.62 -1.46
N PHE A 622 -16.24 -3.97 -2.04
CA PHE A 622 -17.34 -3.41 -1.22
C PHE A 622 -18.36 -4.49 -0.86
N ALA A 623 -18.66 -4.68 0.41
CA ALA A 623 -19.70 -5.63 0.80
C ALA A 623 -20.34 -5.15 2.08
N GLY A 624 -21.64 -5.39 2.23
CA GLY A 624 -22.35 -5.04 3.47
C GLY A 624 -22.21 -6.19 4.46
N LYS A 625 -22.07 -5.89 5.75
CA LYS A 625 -22.04 -6.93 6.74
C LYS A 625 -23.35 -7.10 7.44
N GLN A 626 -24.36 -6.26 7.15
CA GLN A 626 -25.67 -6.39 7.78
C GLN A 626 -26.45 -7.65 7.18
N PRO A 627 -27.36 -8.27 7.97
CA PRO A 627 -28.21 -9.33 7.32
C PRO A 627 -28.87 -8.79 6.05
N ALA A 628 -28.82 -9.56 4.96
CA ALA A 628 -29.30 -9.04 3.67
C ALA A 628 -29.72 -10.25 2.77
N PRO A 629 -30.58 -9.99 1.79
CA PRO A 629 -30.95 -11.03 0.81
C PRO A 629 -29.76 -11.53 0.00
N THR A 630 -29.85 -12.77 -0.50
CA THR A 630 -28.87 -13.22 -1.46
C THR A 630 -29.62 -13.34 -2.80
N TRP A 631 -29.05 -12.74 -3.82
CA TRP A 631 -29.70 -12.53 -5.12
C TRP A 631 -29.36 -13.55 -6.21
N VAL A 632 -28.07 -13.93 -6.27
CA VAL A 632 -27.54 -14.80 -7.35
C VAL A 632 -27.00 -16.12 -6.76
N THR A 633 -26.99 -17.19 -7.57
CA THR A 633 -26.31 -18.42 -7.18
C THR A 633 -24.80 -18.22 -7.42
N LEU A 634 -23.98 -19.18 -6.98
CA LEU A 634 -22.49 -18.97 -7.20
C LEU A 634 -22.15 -19.06 -8.71
N ASP A 635 -22.80 -20.00 -9.47
CA ASP A 635 -22.51 -20.02 -10.93
C ASP A 635 -22.91 -18.72 -11.57
N GLU A 636 -24.06 -18.16 -11.17
CA GLU A 636 -24.45 -16.91 -11.83
C GLU A 636 -23.41 -15.81 -11.48
N ALA A 637 -22.97 -15.83 -10.19
CA ALA A 637 -22.02 -14.80 -9.74
C ALA A 637 -20.74 -14.87 -10.57
N ARG A 638 -20.27 -16.12 -10.82
CA ARG A 638 -19.02 -16.32 -11.65
C ARG A 638 -19.17 -15.71 -13.04
N ALA A 639 -20.34 -15.93 -13.67
CA ALA A 639 -20.48 -15.39 -15.05
C ALA A 639 -20.60 -13.87 -14.99
N GLU A 640 -21.40 -13.39 -14.04
CA GLU A 640 -21.74 -11.96 -14.09
C GLU A 640 -20.50 -11.14 -13.74
N LEU A 641 -19.71 -11.69 -12.81
CA LEU A 641 -18.45 -10.97 -12.43
C LEU A 641 -17.57 -10.76 -13.66
N GLU A 642 -17.44 -11.82 -14.49
CA GLU A 642 -16.60 -11.73 -15.69
C GLU A 642 -17.08 -10.68 -16.64
N ALA A 643 -18.39 -10.57 -16.81
CA ALA A 643 -18.88 -9.55 -17.72
C ALA A 643 -18.69 -8.18 -17.10
N GLY A 644 -18.86 -8.13 -15.76
CA GLY A 644 -18.74 -6.79 -15.14
C GLY A 644 -20.09 -6.23 -14.75
N ALA A 645 -21.10 -6.41 -15.63
CA ALA A 645 -22.48 -5.94 -15.38
C ALA A 645 -23.37 -6.97 -16.10
N ALA A 646 -24.54 -7.28 -15.57
CA ALA A 646 -25.33 -8.38 -16.18
C ALA A 646 -26.82 -8.02 -16.05
N GLU A 647 -27.62 -8.26 -17.11
CA GLU A 647 -29.06 -8.27 -16.89
C GLU A 647 -29.47 -9.39 -15.96
N TRP A 648 -30.35 -9.14 -15.02
CA TRP A 648 -30.96 -10.24 -14.33
C TRP A 648 -32.32 -10.50 -15.05
N LYS A 649 -32.27 -11.42 -16.02
CA LYS A 649 -33.49 -11.77 -16.85
C LYS A 649 -34.62 -12.29 -16.01
N TRP A 650 -34.33 -13.02 -14.96
CA TRP A 650 -35.39 -13.52 -14.11
C TRP A 650 -36.16 -12.38 -13.38
N ALA A 651 -35.57 -11.18 -13.34
CA ALA A 651 -36.20 -10.04 -12.68
C ALA A 651 -36.76 -9.04 -13.71
N SER A 652 -36.24 -9.00 -14.90
CA SER A 652 -36.81 -8.12 -15.93
C SER A 652 -38.21 -8.70 -16.35
N ASN A 653 -39.11 -7.82 -16.72
CA ASN A 653 -40.43 -8.29 -17.24
C ASN A 653 -40.64 -7.90 -18.71
N ALA A 654 -39.74 -7.08 -19.26
CA ALA A 654 -39.79 -6.73 -20.65
C ALA A 654 -39.33 -7.87 -21.60
N GLU A 655 -39.95 -7.93 -22.80
CA GLU A 655 -39.65 -8.95 -23.85
C GLU A 655 -38.30 -8.72 -24.45
N ASN A 656 -37.98 -7.44 -24.69
CA ASN A 656 -36.78 -7.04 -25.35
C ASN A 656 -36.50 -5.59 -25.01
N ASN A 657 -35.39 -5.03 -25.49
CA ASN A 657 -35.06 -3.64 -25.13
C ASN A 657 -36.07 -2.62 -25.69
N ASP A 658 -36.72 -2.96 -26.83
CA ASP A 658 -37.71 -2.01 -27.35
C ASP A 658 -38.91 -1.91 -26.47
N GLU A 659 -39.32 -2.96 -25.78
CA GLU A 659 -40.47 -2.88 -24.92
C GLU A 659 -40.11 -2.24 -23.52
N VAL A 660 -38.81 -2.16 -23.19
CA VAL A 660 -38.38 -1.51 -21.90
C VAL A 660 -38.83 -0.04 -21.81
N GLN A 661 -39.57 0.30 -20.74
CA GLN A 661 -39.84 1.75 -20.47
C GLN A 661 -38.75 2.40 -19.57
N VAL A 662 -38.15 1.56 -18.73
CA VAL A 662 -37.00 2.10 -17.94
C VAL A 662 -36.05 0.92 -17.61
N VAL A 663 -34.74 1.25 -17.62
CA VAL A 663 -33.71 0.29 -17.18
C VAL A 663 -33.49 0.58 -15.68
N LEU A 664 -33.67 -0.43 -14.87
CA LEU A 664 -33.42 -0.37 -13.40
C LEU A 664 -31.98 -0.99 -13.17
N ALA A 665 -31.01 -0.15 -12.79
CA ALA A 665 -29.67 -0.62 -12.70
C ALA A 665 -29.17 -0.23 -11.27
N SER A 666 -28.35 -1.11 -10.69
CA SER A 666 -27.84 -0.78 -9.34
C SER A 666 -26.42 -1.31 -9.15
N ALA A 667 -25.66 -0.66 -8.25
CA ALA A 667 -24.38 -1.25 -7.82
C ALA A 667 -24.33 -1.08 -6.27
N GLY A 668 -24.16 -2.20 -5.59
CA GLY A 668 -24.03 -2.22 -4.09
C GLY A 668 -25.16 -2.96 -3.47
N ASP A 669 -24.92 -3.61 -2.34
CA ASP A 669 -25.93 -4.45 -1.76
C ASP A 669 -27.23 -3.69 -1.38
N VAL A 670 -27.09 -2.49 -0.82
CA VAL A 670 -28.25 -1.79 -0.33
C VAL A 670 -29.00 -1.13 -1.57
N PRO A 671 -28.32 -0.38 -2.43
CA PRO A 671 -29.08 0.08 -3.65
C PRO A 671 -29.79 -1.08 -4.44
N THR A 672 -29.17 -2.25 -4.48
CA THR A 672 -29.77 -3.40 -5.13
C THR A 672 -31.01 -3.87 -4.42
N GLN A 673 -30.96 -4.06 -3.10
CA GLN A 673 -32.14 -4.41 -2.39
C GLN A 673 -33.33 -3.42 -2.63
N GLU A 674 -33.03 -2.12 -2.59
CA GLU A 674 -34.06 -1.07 -2.73
C GLU A 674 -34.60 -1.06 -4.20
N LEU A 675 -33.68 -1.16 -5.17
CA LEU A 675 -34.05 -1.24 -6.58
C LEU A 675 -34.94 -2.48 -6.84
N MET A 676 -34.56 -3.62 -6.28
CA MET A 676 -35.35 -4.81 -6.45
C MET A 676 -36.80 -4.67 -5.94
N ALA A 677 -36.94 -4.17 -4.71
CA ALA A 677 -38.24 -3.81 -4.17
C ALA A 677 -39.00 -2.83 -5.07
N ALA A 678 -38.35 -1.78 -5.57
CA ALA A 678 -38.96 -0.88 -6.55
C ALA A 678 -39.43 -1.70 -7.79
N SER A 679 -38.58 -2.59 -8.30
CA SER A 679 -38.94 -3.45 -9.50
C SER A 679 -40.25 -4.25 -9.27
N ASP A 680 -40.43 -4.75 -8.05
CA ASP A 680 -41.56 -5.59 -7.67
C ASP A 680 -42.81 -4.71 -7.77
N ALA A 681 -42.73 -3.52 -7.17
CA ALA A 681 -43.85 -2.58 -7.25
C ALA A 681 -44.16 -2.14 -8.68
N LEU A 682 -43.12 -1.83 -9.46
CA LEU A 682 -43.27 -1.36 -10.84
C LEU A 682 -43.93 -2.50 -11.68
N ASN A 683 -43.47 -3.72 -11.48
CA ASN A 683 -44.09 -4.87 -12.13
C ASN A 683 -45.60 -4.88 -11.81
N LYS A 684 -45.93 -4.79 -10.52
CA LYS A 684 -47.35 -4.85 -10.07
C LYS A 684 -48.22 -3.68 -10.66
N MET A 685 -47.59 -2.59 -11.05
CA MET A 685 -48.28 -1.54 -11.72
C MET A 685 -48.45 -1.78 -13.22
N GLY A 686 -47.84 -2.82 -13.82
CA GLY A 686 -47.84 -2.96 -15.32
C GLY A 686 -46.73 -2.18 -16.04
N ILE A 687 -45.74 -1.63 -15.31
CA ILE A 687 -44.60 -0.98 -15.98
C ILE A 687 -43.65 -2.09 -16.51
N LYS A 688 -43.11 -1.87 -17.73
CA LYS A 688 -42.18 -2.76 -18.41
C LYS A 688 -40.76 -2.22 -18.20
N PHE A 689 -39.90 -3.13 -17.75
CA PHE A 689 -38.51 -2.69 -17.47
C PHE A 689 -37.55 -3.86 -17.59
N LYS A 690 -36.24 -3.53 -17.60
CA LYS A 690 -35.26 -4.61 -17.33
C LYS A 690 -34.43 -4.24 -16.05
N VAL A 691 -33.86 -5.25 -15.40
CA VAL A 691 -32.94 -5.05 -14.22
C VAL A 691 -31.49 -5.43 -14.63
N VAL A 692 -30.50 -4.54 -14.34
CA VAL A 692 -29.12 -4.78 -14.68
C VAL A 692 -28.33 -4.56 -13.34
N ASN A 693 -27.54 -5.54 -12.93
CA ASN A 693 -26.66 -5.33 -11.72
C ASN A 693 -25.25 -5.07 -12.13
N VAL A 694 -24.49 -4.18 -11.42
CA VAL A 694 -23.19 -3.75 -11.90
C VAL A 694 -22.30 -4.19 -10.70
N VAL A 695 -21.29 -5.00 -11.01
CA VAL A 695 -20.36 -5.50 -9.99
C VAL A 695 -18.99 -4.89 -10.20
N ASP A 696 -18.47 -4.97 -11.44
CA ASP A 696 -17.12 -4.47 -11.74
C ASP A 696 -17.22 -3.12 -12.32
N LEU A 697 -17.17 -2.11 -11.42
CA LEU A 697 -17.51 -0.75 -11.85
C LEU A 697 -16.78 -0.22 -13.07
N LEU A 698 -15.47 -0.42 -13.18
CA LEU A 698 -14.70 0.31 -14.17
C LEU A 698 -14.99 -0.31 -15.56
N LYS A 699 -15.66 -1.45 -15.56
CA LYS A 699 -16.05 -2.03 -16.88
C LYS A 699 -17.14 -1.19 -17.57
N LEU A 700 -17.64 -0.17 -16.85
CA LEU A 700 -18.51 0.86 -17.44
C LEU A 700 -17.77 1.90 -18.25
N GLN A 701 -16.46 2.02 -18.09
CA GLN A 701 -15.76 3.05 -18.81
C GLN A 701 -15.79 2.61 -20.27
N SER A 702 -15.51 3.55 -21.12
CA SER A 702 -15.44 3.24 -22.55
C SER A 702 -14.16 2.47 -22.86
N ARG A 703 -14.17 1.75 -24.00
CA ARG A 703 -12.97 1.05 -24.42
C ARG A 703 -11.81 1.96 -24.69
N GLU A 704 -12.07 3.19 -25.11
CA GLU A 704 -11.00 4.06 -25.31
C GLU A 704 -10.24 4.33 -23.98
N ASN A 705 -11.00 4.37 -22.88
CA ASN A 705 -10.39 4.61 -21.53
C ASN A 705 -10.00 3.36 -20.81
N ASN A 706 -10.55 2.25 -21.27
CA ASN A 706 -10.34 0.93 -20.67
C ASN A 706 -10.55 -0.23 -21.65
N ASP A 707 -9.44 -0.75 -22.13
CA ASP A 707 -9.43 -1.85 -23.14
C ASP A 707 -9.93 -3.20 -22.62
N GLU A 708 -10.35 -3.28 -21.37
CA GLU A 708 -10.99 -4.50 -20.86
C GLU A 708 -12.49 -4.25 -20.50
N ALA A 709 -12.98 -3.02 -20.74
CA ALA A 709 -14.40 -2.63 -20.39
C ALA A 709 -15.39 -3.34 -21.37
N LEU A 710 -16.69 -3.24 -21.09
CA LEU A 710 -17.77 -3.68 -22.03
C LEU A 710 -17.59 -2.98 -23.32
N THR A 711 -17.75 -3.66 -24.49
CA THR A 711 -17.67 -2.87 -25.73
C THR A 711 -18.90 -1.97 -25.75
N ASP A 712 -18.98 -0.98 -26.64
CA ASP A 712 -20.26 -0.18 -26.82
C ASP A 712 -21.45 -1.07 -27.12
N GLU A 713 -21.21 -2.08 -27.95
CA GLU A 713 -22.30 -3.00 -28.28
C GLU A 713 -22.81 -3.76 -27.06
N GLU A 714 -21.91 -4.21 -26.19
CA GLU A 714 -22.39 -4.98 -25.04
C GLU A 714 -23.09 -3.98 -24.10
N PHE A 715 -22.59 -2.76 -24.06
CA PHE A 715 -23.09 -1.74 -23.09
C PHE A 715 -24.52 -1.32 -23.49
N THR A 716 -24.71 -1.06 -24.79
CA THR A 716 -26.07 -0.80 -25.29
C THR A 716 -27.04 -1.98 -25.09
N GLU A 717 -26.57 -3.18 -25.29
CA GLU A 717 -27.41 -4.29 -25.08
C GLU A 717 -27.95 -4.29 -23.64
N LEU A 718 -27.06 -3.99 -22.68
CA LEU A 718 -27.50 -3.95 -21.27
C LEU A 718 -28.42 -2.73 -21.04
N PHE A 719 -27.94 -1.54 -21.41
CA PHE A 719 -28.55 -0.26 -20.90
C PHE A 719 -29.54 0.38 -21.95
N THR A 720 -29.68 -0.29 -23.10
CA THR A 720 -30.51 0.23 -24.27
C THR A 720 -29.87 1.36 -25.01
N ALA A 721 -30.37 1.63 -26.24
CA ALA A 721 -29.85 2.68 -27.06
C ALA A 721 -30.44 3.98 -26.63
N ASP A 722 -31.66 3.96 -26.12
CA ASP A 722 -32.34 5.23 -25.87
C ASP A 722 -33.45 5.24 -24.84
N LYS A 723 -33.62 4.18 -24.04
CA LYS A 723 -34.55 4.25 -22.94
C LYS A 723 -33.90 4.97 -21.68
N PRO A 724 -34.73 5.57 -20.84
CA PRO A 724 -34.18 6.09 -19.53
C PRO A 724 -33.61 4.97 -18.66
N VAL A 725 -32.53 5.31 -17.93
CA VAL A 725 -31.84 4.34 -17.04
C VAL A 725 -31.84 4.98 -15.62
N LEU A 726 -32.48 4.32 -14.70
CA LEU A 726 -32.40 4.74 -13.32
C LEU A 726 -31.22 3.92 -12.72
N PHE A 727 -30.18 4.63 -12.26
CA PHE A 727 -29.01 3.90 -11.76
C PHE A 727 -28.79 4.23 -10.20
N ALA A 728 -29.01 3.26 -9.33
CA ALA A 728 -28.96 3.38 -7.88
C ALA A 728 -27.53 2.94 -7.51
N TYR A 729 -26.71 3.94 -7.14
CA TYR A 729 -25.27 3.72 -6.94
C TYR A 729 -24.88 3.82 -5.43
N HIS A 730 -24.05 2.90 -4.97
CA HIS A 730 -23.66 2.81 -3.54
C HIS A 730 -23.00 4.11 -3.11
N SER A 731 -22.21 4.71 -3.96
CA SER A 731 -21.38 5.84 -3.58
C SER A 731 -21.84 7.19 -4.19
N TYR A 732 -20.93 8.11 -4.49
CA TYR A 732 -21.34 9.43 -4.92
C TYR A 732 -21.62 9.37 -6.44
N ALA A 733 -22.79 9.87 -6.81
CA ALA A 733 -23.27 9.78 -8.21
C ALA A 733 -22.24 10.29 -9.19
N GLN A 734 -21.50 11.33 -8.78
CA GLN A 734 -20.39 11.90 -9.52
C GLN A 734 -19.50 10.87 -10.22
N ASP A 735 -19.22 9.76 -9.50
CA ASP A 735 -18.28 8.77 -9.99
C ASP A 735 -18.89 8.19 -11.32
N VAL A 736 -20.14 7.72 -11.24
CA VAL A 736 -20.75 7.05 -12.43
C VAL A 736 -20.91 8.02 -13.60
N ARG A 737 -21.40 9.24 -13.29
CA ARG A 737 -21.54 10.32 -14.32
C ARG A 737 -20.25 10.56 -15.06
N GLY A 738 -19.15 10.64 -14.31
CA GLY A 738 -17.89 10.86 -14.98
C GLY A 738 -17.42 9.65 -15.79
N LEU A 739 -17.67 8.44 -15.30
CA LEU A 739 -17.13 7.27 -15.95
C LEU A 739 -17.87 7.04 -17.31
N ILE A 740 -19.13 7.39 -17.37
CA ILE A 740 -19.93 6.98 -18.58
C ILE A 740 -20.08 8.17 -19.53
N TYR A 741 -19.30 9.20 -19.37
CA TYR A 741 -19.43 10.43 -20.18
C TYR A 741 -19.41 10.29 -21.74
N ASP A 742 -18.81 9.21 -22.25
CA ASP A 742 -18.61 9.04 -23.69
C ASP A 742 -19.28 7.73 -24.08
N ARG A 743 -20.18 7.19 -23.23
CA ARG A 743 -20.90 5.98 -23.53
C ARG A 743 -22.20 6.29 -24.31
N PRO A 744 -22.57 5.42 -25.25
CA PRO A 744 -23.95 5.58 -25.80
C PRO A 744 -25.07 5.57 -24.75
N ASN A 745 -25.99 6.53 -24.90
CA ASN A 745 -27.22 6.65 -24.11
C ASN A 745 -26.92 7.23 -22.70
N HIS A 746 -25.71 7.74 -22.50
CA HIS A 746 -25.34 8.27 -21.16
C HIS A 746 -26.24 9.42 -20.73
N ASP A 747 -26.68 10.28 -21.69
CA ASP A 747 -27.64 11.36 -21.37
C ASP A 747 -28.94 10.86 -20.73
N ASN A 748 -29.29 9.59 -20.89
CA ASN A 748 -30.51 9.09 -20.31
C ASN A 748 -30.34 8.44 -18.97
N PHE A 749 -29.14 8.48 -18.40
CA PHE A 749 -28.94 7.84 -17.05
C PHE A 749 -29.34 8.90 -15.99
N HIS A 750 -30.10 8.51 -15.02
CA HIS A 750 -30.30 9.36 -13.83
C HIS A 750 -29.67 8.57 -12.65
N VAL A 751 -28.52 9.08 -12.18
CA VAL A 751 -27.74 8.34 -11.17
C VAL A 751 -28.11 8.87 -9.75
N VAL A 752 -28.53 7.98 -8.90
CA VAL A 752 -28.93 8.39 -7.57
C VAL A 752 -27.75 7.74 -6.73
N GLY A 753 -27.10 8.58 -5.96
CA GLY A 753 -26.05 8.05 -5.04
C GLY A 753 -26.15 8.65 -3.61
N TYR A 754 -25.14 8.32 -2.80
CA TYR A 754 -25.12 8.98 -1.48
C TYR A 754 -24.90 10.47 -1.68
N LYS A 755 -25.65 11.28 -0.96
CA LYS A 755 -25.53 12.75 -1.15
C LYS A 755 -25.36 13.52 0.17
N GLU A 756 -24.49 12.97 1.03
CA GLU A 756 -24.16 13.63 2.33
C GLU A 756 -25.42 13.89 3.16
N GLN A 757 -26.30 12.88 3.28
CA GLN A 757 -27.48 12.99 4.11
C GLN A 757 -27.53 11.79 4.97
N GLY A 758 -27.76 11.99 6.28
CA GLY A 758 -27.93 10.83 7.15
C GLY A 758 -27.70 11.30 8.60
N SER A 759 -27.81 10.37 9.55
CA SER A 759 -27.76 10.71 11.00
C SER A 759 -27.69 9.33 11.64
N THR A 760 -27.77 9.25 12.96
CA THR A 760 -27.88 7.98 13.53
C THR A 760 -29.37 7.57 13.63
N THR A 761 -29.72 6.57 12.83
CA THR A 761 -31.16 6.41 12.52
C THR A 761 -31.45 4.99 12.02
N THR A 762 -32.67 4.75 11.50
CA THR A 762 -33.00 3.37 11.17
C THR A 762 -32.54 3.11 9.74
N PRO A 763 -32.57 1.86 9.33
CA PRO A 763 -32.11 1.56 7.98
C PRO A 763 -32.97 2.29 6.88
N PHE A 764 -34.28 2.33 7.11
CA PHE A 764 -35.13 3.00 6.11
C PHE A 764 -34.85 4.46 6.04
N ASP A 765 -34.69 5.09 7.20
CA ASP A 765 -34.41 6.51 7.18
C ASP A 765 -33.13 6.88 6.42
N MET A 766 -32.07 6.07 6.57
CA MET A 766 -30.77 6.36 5.89
C MET A 766 -30.97 6.34 4.36
N VAL A 767 -31.66 5.32 3.87
CA VAL A 767 -31.93 5.33 2.38
C VAL A 767 -32.88 6.44 1.99
N ARG A 768 -33.94 6.63 2.83
CA ARG A 768 -34.92 7.70 2.53
C ARG A 768 -34.27 9.06 2.32
N VAL A 769 -33.35 9.48 3.19
CA VAL A 769 -32.87 10.85 3.05
C VAL A 769 -31.91 11.06 1.91
N ASN A 770 -31.43 9.95 1.29
CA ASN A 770 -30.64 10.14 0.05
C ASN A 770 -31.44 9.79 -1.21
N ASP A 771 -32.78 9.68 -1.06
CA ASP A 771 -33.72 9.33 -2.21
C ASP A 771 -33.34 7.97 -2.77
N MET A 772 -32.88 7.07 -1.87
CA MET A 772 -32.32 5.80 -2.30
C MET A 772 -33.31 4.71 -1.92
N ASP A 773 -34.35 5.05 -1.16
CA ASP A 773 -35.25 4.02 -0.63
C ASP A 773 -36.14 3.50 -1.83
N ARG A 774 -36.64 2.29 -1.69
CA ARG A 774 -37.52 1.67 -2.79
C ARG A 774 -38.62 2.57 -3.34
N TYR A 775 -39.19 3.41 -2.44
CA TYR A 775 -40.36 4.23 -2.77
C TYR A 775 -39.89 5.35 -3.59
N ALA A 776 -38.76 5.96 -3.19
CA ALA A 776 -38.24 7.04 -3.97
C ALA A 776 -37.69 6.49 -5.28
N LEU A 777 -37.20 5.24 -5.29
CA LEU A 777 -36.63 4.73 -6.58
C LEU A 777 -37.83 4.46 -7.56
N GLN A 778 -38.88 3.88 -7.02
CA GLN A 778 -40.14 3.67 -7.80
C GLN A 778 -40.66 5.00 -8.34
N ALA A 779 -40.79 6.01 -7.48
CA ALA A 779 -41.07 7.37 -7.96
C ALA A 779 -40.17 7.95 -9.02
N ALA A 780 -38.84 7.82 -8.83
CA ALA A 780 -37.95 8.30 -9.85
C ALA A 780 -38.15 7.51 -11.20
N ALA A 781 -38.47 6.21 -11.13
CA ALA A 781 -38.57 5.48 -12.37
C ALA A 781 -39.79 6.11 -13.11
N LEU A 782 -40.92 6.19 -12.38
CA LEU A 782 -42.18 6.83 -12.89
C LEU A 782 -41.90 8.21 -13.42
N LYS A 783 -41.10 9.00 -12.72
CA LYS A 783 -40.82 10.34 -13.27
C LYS A 783 -40.10 10.31 -14.61
N LEU A 784 -39.23 9.31 -14.79
CA LEU A 784 -38.43 9.26 -15.99
C LEU A 784 -39.31 8.79 -17.17
N ILE A 785 -40.27 7.94 -16.83
CA ILE A 785 -41.21 7.38 -17.82
C ILE A 785 -42.28 8.39 -18.29
N ASP A 786 -43.08 8.92 -17.34
CA ASP A 786 -44.06 9.98 -17.70
C ASP A 786 -44.43 10.82 -16.48
N ALA A 787 -43.73 11.93 -16.27
CA ALA A 787 -43.92 12.72 -15.02
C ALA A 787 -45.40 13.22 -14.92
N ASP A 788 -45.99 13.67 -16.03
CA ASP A 788 -47.41 14.08 -15.94
C ASP A 788 -48.36 12.97 -15.57
N LYS A 789 -48.28 11.82 -16.22
CA LYS A 789 -49.23 10.78 -16.01
C LYS A 789 -49.12 10.33 -14.59
N TYR A 790 -47.89 10.25 -14.08
CA TYR A 790 -47.72 9.58 -12.79
C TYR A 790 -47.61 10.58 -11.64
N ALA A 791 -47.96 11.84 -11.88
CA ALA A 791 -47.85 12.88 -10.83
C ALA A 791 -48.49 12.49 -9.54
N ASP A 792 -49.72 11.97 -9.59
CA ASP A 792 -50.36 11.56 -8.35
C ASP A 792 -49.69 10.39 -7.66
N LYS A 793 -49.29 9.39 -8.45
CA LYS A 793 -48.66 8.18 -7.87
C LYS A 793 -47.32 8.58 -7.13
N ILE A 794 -46.61 9.48 -7.74
CA ILE A 794 -45.32 9.96 -7.23
C ILE A 794 -45.63 10.63 -5.87
N ASP A 795 -46.65 11.50 -5.82
CA ASP A 795 -47.11 12.08 -4.51
C ASP A 795 -47.45 11.09 -3.48
N GLU A 796 -48.19 10.04 -3.83
CA GLU A 796 -48.53 9.05 -2.86
C GLU A 796 -47.24 8.34 -2.32
N LEU A 797 -46.32 8.02 -3.24
CA LEU A 797 -45.11 7.28 -2.81
C LEU A 797 -44.27 8.22 -1.85
N ASN A 798 -44.14 9.49 -2.19
CA ASN A 798 -43.45 10.47 -1.29
C ASN A 798 -44.13 10.67 0.06
N ALA A 799 -45.48 10.56 0.11
CA ALA A 799 -46.18 10.53 1.38
C ALA A 799 -45.99 9.24 2.09
N PHE A 800 -45.94 8.09 1.40
CA PHE A 800 -45.66 6.88 2.13
C PHE A 800 -44.26 6.98 2.87
N ARG A 801 -43.32 7.66 2.23
CA ARG A 801 -41.96 7.79 2.78
C ARG A 801 -42.04 8.57 4.12
N LYS A 802 -42.83 9.64 4.14
CA LYS A 802 -43.10 10.37 5.43
C LYS A 802 -43.82 9.54 6.44
N LYS A 803 -44.82 8.78 6.02
CA LYS A 803 -45.47 7.96 6.98
C LYS A 803 -44.47 6.92 7.53
N ALA A 804 -43.58 6.45 6.69
CA ALA A 804 -42.70 5.36 7.21
C ALA A 804 -41.69 5.97 8.21
N PHE A 805 -41.29 7.19 7.89
CA PHE A 805 -40.35 7.95 8.74
C PHE A 805 -41.04 8.25 10.09
N GLN A 806 -42.31 8.68 10.06
CA GLN A 806 -43.05 8.95 11.28
C GLN A 806 -43.24 7.73 12.08
N PHE A 807 -43.50 6.58 11.43
CA PHE A 807 -43.60 5.36 12.13
C PHE A 807 -42.31 5.12 12.93
N ALA A 808 -41.15 5.32 12.28
CA ALA A 808 -39.81 5.05 12.93
C ALA A 808 -39.69 5.96 14.16
N VAL A 809 -39.95 7.26 13.96
CA VAL A 809 -40.02 8.25 15.07
C VAL A 809 -40.92 7.83 16.25
N ASP A 810 -42.14 7.38 15.96
CA ASP A 810 -43.08 7.13 17.01
C ASP A 810 -42.77 5.82 17.66
N ASN A 811 -42.32 4.84 16.87
CA ASN A 811 -42.33 3.48 17.38
C ASN A 811 -40.98 2.91 17.73
N GLY A 812 -39.91 3.39 17.11
CA GLY A 812 -38.55 2.99 17.48
C GLY A 812 -37.91 1.97 16.55
N TYR A 813 -38.67 1.57 15.50
CA TYR A 813 -38.23 0.55 14.55
C TYR A 813 -38.97 0.86 13.20
N ASP A 814 -38.52 0.29 12.09
CA ASP A 814 -39.09 0.66 10.81
C ASP A 814 -40.43 -0.07 10.61
N ILE A 815 -41.20 0.47 9.67
CA ILE A 815 -42.57 -0.03 9.42
C ILE A 815 -42.50 -1.49 8.86
N PRO A 816 -43.31 -2.44 9.36
CA PRO A 816 -43.18 -3.83 8.90
C PRO A 816 -43.24 -3.97 7.36
N GLU A 817 -44.04 -3.14 6.71
CA GLU A 817 -44.21 -3.30 5.27
C GLU A 817 -42.84 -3.07 4.59
N PHE A 818 -41.98 -2.24 5.22
CA PHE A 818 -40.60 -2.08 4.72
C PHE A 818 -39.69 -3.24 5.12
N THR A 819 -39.65 -3.56 6.41
CA THR A 819 -38.65 -4.52 6.84
C THR A 819 -39.01 -5.93 6.38
N ASP A 820 -40.28 -6.22 6.23
CA ASP A 820 -40.70 -7.64 6.07
C ASP A 820 -40.80 -8.01 4.60
N TRP A 821 -40.58 -7.05 3.70
CA TRP A 821 -40.64 -7.36 2.26
C TRP A 821 -39.59 -8.39 1.87
N VAL A 822 -40.02 -9.41 1.11
CA VAL A 822 -39.12 -10.42 0.52
C VAL A 822 -39.43 -10.45 -0.99
N TYR A 823 -38.44 -10.58 -1.84
CA TYR A 823 -38.69 -10.62 -3.30
C TYR A 823 -39.62 -11.79 -3.64
N PRO A 824 -40.55 -11.57 -4.59
CA PRO A 824 -41.61 -12.62 -4.80
C PRO A 824 -41.13 -13.99 -5.30
N ASP A 825 -39.92 -14.07 -5.87
CA ASP A 825 -39.36 -15.37 -6.26
C ASP A 825 -39.13 -16.36 -5.08
N VAL A 826 -39.04 -15.85 -3.85
CA VAL A 826 -38.63 -16.74 -2.74
C VAL A 826 -39.79 -17.68 -2.35
MG MG B . 16.94 14.56 8.84
S1 HTD C . 11.62 15.15 2.45
C2 HTD C . 9.77 15.20 2.35
N3 HTD C . 9.51 16.60 2.26
C4 HTD C . 10.10 16.90 3.52
C5 HTD C . 11.31 16.28 3.72
C6 HTD C . 12.36 16.38 4.85
C7 HTD C . 12.56 14.96 5.47
O7 HTD C . 13.73 15.20 6.42
PA HTD C . 14.29 13.95 7.15
PB HTD C . 16.86 13.76 5.87
N1, HTD C . 5.24 15.29 3.82
O1A HTD C . 13.42 12.93 7.15
O1B HTD C . 17.33 14.85 6.81
C2, HTD C . 5.54 13.98 3.67
O2A HTD C . 15.04 14.40 8.37
O2B HTD C . 16.99 14.38 4.55
N3, HTD C . 6.66 13.59 3.11
O3A HTD C . 15.31 13.48 6.01
O3B HTD C . 17.69 12.53 5.97
N4' HTD C . 8.72 14.18 1.99
C4, HTD C . 7.54 14.51 2.63
C5, HTD C . 7.23 15.88 2.71
C6, HTD C . 6.05 16.25 3.31
C7, HTD C . 8.11 17.00 2.19
CM2 HTD C . 4.58 12.93 4.24
CM4 HTD C . 9.61 17.94 4.52
NA NA D . -24.08 13.91 -22.64
C1 EDO E . -34.23 0.46 -27.12
O1 EDO E . -33.70 1.81 -27.14
C2 EDO E . -33.31 -0.57 -27.80
O2 EDO E . -31.90 -0.62 -27.31
C1 EDO F . -35.25 -7.91 -21.11
O1 EDO F . -35.09 -9.35 -21.15
C2 EDO F . -34.82 -7.25 -22.42
O2 EDO F . -33.39 -7.29 -22.53
C1 EDO G . 36.69 12.51 -21.48
O1 EDO G . 38.10 12.65 -21.22
C2 EDO G . 35.98 13.86 -21.44
O2 EDO G . 37.05 14.83 -21.36
C1 EDO H . 20.91 9.63 29.45
O1 EDO H . 20.15 8.43 29.25
C2 EDO H . 21.68 9.89 28.15
O2 EDO H . 21.95 8.61 27.53
C1 EDO I . 23.95 9.37 -22.65
O1 EDO I . 24.41 10.01 -21.41
C2 EDO I . 25.02 9.72 -23.72
O2 EDO I . 26.29 9.13 -23.33
C1 EDO J . 5.62 5.54 -15.13
O1 EDO J . 5.39 6.05 -16.46
C2 EDO J . 6.38 6.57 -14.31
O2 EDO J . 7.48 7.05 -15.05
C1 EDO K . 29.49 19.42 11.31
O1 EDO K . 29.66 20.38 10.27
C2 EDO K . 29.48 20.32 12.51
O2 EDO K . 28.12 20.81 12.68
C1 EDO L . 26.37 15.79 18.39
O1 EDO L . 27.32 16.05 19.44
C2 EDO L . 26.06 17.12 17.77
O2 EDO L . 24.90 17.51 18.48
C1 EDO M . -47.48 1.39 -0.14
O1 EDO M . -47.15 0.10 0.36
C2 EDO M . -46.20 2.02 -0.61
O2 EDO M . -46.55 2.30 -1.96
C1 EDO N . -10.36 -10.93 22.58
O1 EDO N . -10.11 -11.62 21.36
C2 EDO N . -8.99 -10.27 22.99
O2 EDO N . -8.13 -11.40 23.31
C1 EDO O . -10.12 7.67 -15.88
O1 EDO O . -9.97 6.37 -16.45
C2 EDO O . -11.23 8.49 -16.51
O2 EDO O . -10.50 9.33 -17.38
#